data_9FXD
#
_entry.id   9FXD
#
_cell.length_a   197.886
_cell.length_b   197.886
_cell.length_c   65.284
_cell.angle_alpha   90
_cell.angle_beta   90
_cell.angle_gamma   120
#
_symmetry.space_group_name_H-M   'P 64'
#
loop_
_entity.id
_entity.type
_entity.pdbx_description
1 polymer 'Indole-3-acetic acid-amido synthetase GH3.6'
2 non-polymer 'ADENOSINE MONOPHOSPHATE'
3 non-polymer 'ASPARTIC ACID'
4 water water
#
_entity_poly.entity_id   1
_entity_poly.type   'polypeptide(L)'
_entity_poly.pdbx_seq_one_letter_code
;MHHHHHHAMPEAPKIAALEVSDESLAEKNKNKLQFIEDVTTNADDVQRRVLEEILSRNADVEYLKRHGLEGRTDRETFKH
IMPVVTYEDIQPEINRIANGDKSQVLCSNPISEFLTSSGTSGGERKLMPTIEEELDRRSLLYSLLMPVMDQFVPGLDKGK
GMYFLFIKSESKTPGGLPARPVLTSYYKSSHFKNRPYDPYTNYTSPNQTILCSDSYQSMYSQMLCGLCQHKEVLRVGAVF
ASGFIRAIKFLEKHWPELARDIRTGTLSSEITDSSVREAVGEILKPDPKLADFVESECRKTSWQGIITRLWPNTKYVDVI
VTGTMSQYIPTLDYYSNGLPLVCTMYASSECYFGVNLRPLCKPSEVSYTLIPNMAYFEFLPVHRNSGVTSSISLPKALTE
KEQQELVDLVDVKLGQEYELVVTTYAGLYRYRVGDVLSVAGFKNNAPQFSFICRKNVVLSIDSDKTDEVELQNAVKNAVT
HLVPFDASLSEYTSYADTSSIPGHYVLFWELCLNGNTPIPPSVFEDCCLTIEESLNSVYRQGRVSDKSIGPLEIKMVESG
TFDKLMDYAISLGASINQYKTPRCVKFAPIIELLNSRVVDSYFSPKCPKWSPGHKQWGSN
;
_entity_poly.pdbx_strand_id   A,B
#
# COMPACT_ATOMS: atom_id res chain seq x y z
N SER A 21 -29.19 27.28 39.32
CA SER A 21 -28.66 28.40 40.10
C SER A 21 -27.50 29.07 39.34
N ASP A 22 -27.45 30.42 39.36
CA ASP A 22 -26.38 31.18 38.69
C ASP A 22 -25.01 30.83 39.27
N GLU A 23 -24.94 30.64 40.59
CA GLU A 23 -23.70 30.33 41.28
C GLU A 23 -23.24 28.90 40.93
N SER A 24 -24.19 27.95 40.89
CA SER A 24 -23.85 26.56 40.55
C SER A 24 -23.43 26.46 39.07
N LEU A 25 -24.06 27.26 38.19
CA LEU A 25 -23.69 27.30 36.77
C LEU A 25 -22.28 27.87 36.60
N ALA A 26 -21.93 28.94 37.34
CA ALA A 26 -20.59 29.54 37.29
C ALA A 26 -19.53 28.53 37.78
N GLU A 27 -19.86 27.78 38.85
CA GLU A 27 -18.98 26.75 39.41
C GLU A 27 -18.80 25.62 38.41
N LYS A 28 -19.88 25.20 37.75
CA LYS A 28 -19.80 24.14 36.74
C LYS A 28 -18.89 24.57 35.58
N ASN A 29 -19.08 25.80 35.04
CA ASN A 29 -18.22 26.29 33.96
C ASN A 29 -16.73 26.32 34.40
N LYS A 30 -16.44 26.79 35.62
CA LYS A 30 -15.10 26.85 36.19
C LYS A 30 -14.48 25.44 36.27
N ASN A 31 -15.24 24.43 36.72
CA ASN A 31 -14.72 23.07 36.81
C ASN A 31 -14.46 22.47 35.42
N LYS A 32 -15.28 22.81 34.41
CA LYS A 32 -15.03 22.30 33.05
C LYS A 32 -13.77 22.95 32.49
N LEU A 33 -13.55 24.24 32.74
CA LEU A 33 -12.33 24.89 32.28
C LEU A 33 -11.11 24.41 33.05
N GLN A 34 -11.26 24.05 34.32
CA GLN A 34 -10.13 23.51 35.10
C GLN A 34 -9.78 22.12 34.54
N PHE A 35 -10.78 21.32 34.16
CA PHE A 35 -10.55 20.02 33.48
C PHE A 35 -9.66 20.21 32.22
N ILE A 36 -9.95 21.23 31.41
CA ILE A 36 -9.18 21.54 30.19
C ILE A 36 -7.72 21.84 30.56
N GLU A 37 -7.49 22.65 31.60
CA GLU A 37 -6.13 22.93 32.05
C GLU A 37 -5.42 21.65 32.47
N ASP A 38 -6.09 20.82 33.27
CA ASP A 38 -5.53 19.57 33.79
C ASP A 38 -5.12 18.60 32.70
N VAL A 39 -6.04 18.29 31.78
CA VAL A 39 -5.76 17.30 30.73
C VAL A 39 -4.80 17.86 29.66
N THR A 40 -4.74 19.17 29.41
CA THR A 40 -3.77 19.72 28.46
C THR A 40 -2.38 19.83 29.08
N THR A 41 -2.29 20.07 30.41
CA THR A 41 -1.01 20.09 31.12
C THR A 41 -0.48 18.66 31.20
N ASN A 42 -1.34 17.70 31.56
CA ASN A 42 -0.93 16.31 31.71
C ASN A 42 -1.29 15.45 30.49
N ALA A 43 -1.25 16.06 29.29
CA ALA A 43 -1.64 15.40 28.04
C ALA A 43 -0.98 14.04 27.77
N ASP A 44 0.36 13.94 27.89
CA ASP A 44 1.04 12.70 27.62
C ASP A 44 0.64 11.59 28.59
N ASP A 45 0.51 11.91 29.87
CA ASP A 45 0.07 10.95 30.87
C ASP A 45 -1.35 10.47 30.59
N VAL A 46 -2.26 11.39 30.20
CA VAL A 46 -3.65 11.03 29.88
C VAL A 46 -3.64 10.10 28.63
N GLN A 47 -2.79 10.39 27.64
CA GLN A 47 -2.63 9.58 26.45
C GLN A 47 -2.16 8.17 26.78
N ARG A 48 -1.19 8.06 27.70
CA ARG A 48 -0.66 6.77 28.15
C ARG A 48 -1.76 5.99 28.90
N ARG A 49 -2.46 6.65 29.81
CA ARG A 49 -3.59 6.09 30.58
C ARG A 49 -4.71 5.55 29.66
N VAL A 50 -5.09 6.32 28.63
CA VAL A 50 -6.14 5.94 27.68
C VAL A 50 -5.72 4.67 26.94
N LEU A 51 -4.48 4.62 26.43
CA LEU A 51 -4.00 3.45 25.71
C LEU A 51 -3.95 2.24 26.64
N GLU A 52 -3.52 2.43 27.88
CA GLU A 52 -3.46 1.34 28.85
C GLU A 52 -4.84 0.76 29.14
N GLU A 53 -5.86 1.63 29.26
CA GLU A 53 -7.22 1.18 29.50
C GLU A 53 -7.77 0.43 28.29
N ILE A 54 -7.52 0.94 27.08
CA ILE A 54 -7.97 0.28 25.85
C ILE A 54 -7.29 -1.11 25.73
N LEU A 55 -5.96 -1.15 25.86
CA LEU A 55 -5.23 -2.42 25.69
C LEU A 55 -5.45 -3.46 26.81
N SER A 56 -5.72 -3.04 28.08
CA SER A 56 -6.01 -4.05 29.11
C SER A 56 -7.44 -4.56 28.96
N ARG A 57 -8.42 -3.68 28.74
CA ARG A 57 -9.81 -4.11 28.58
C ARG A 57 -10.02 -5.00 27.38
N ASN A 58 -9.32 -4.74 26.28
CA ASN A 58 -9.44 -5.53 25.05
C ASN A 58 -8.27 -6.49 24.84
N ALA A 59 -7.51 -6.82 25.92
CA ALA A 59 -6.37 -7.71 25.81
C ALA A 59 -6.67 -9.04 25.12
N ASP A 60 -7.86 -9.61 25.36
CA ASP A 60 -8.28 -10.92 24.84
C ASP A 60 -9.05 -10.88 23.53
N VAL A 61 -9.10 -9.73 22.84
CA VAL A 61 -9.83 -9.66 21.58
C VAL A 61 -8.98 -10.31 20.49
N GLU A 62 -9.67 -10.96 19.54
CA GLU A 62 -9.05 -11.70 18.42
C GLU A 62 -8.04 -10.86 17.63
N TYR A 63 -8.33 -9.59 17.36
CA TYR A 63 -7.42 -8.73 16.61
C TYR A 63 -6.08 -8.49 17.31
N LEU A 64 -6.10 -8.26 18.63
CA LEU A 64 -4.87 -8.03 19.36
C LEU A 64 -4.16 -9.34 19.61
N LYS A 65 -4.91 -10.40 20.00
CA LYS A 65 -4.32 -11.72 20.25
C LYS A 65 -3.61 -12.26 19.01
N ARG A 66 -4.23 -12.17 17.82
CA ARG A 66 -3.61 -12.70 16.60
C ARG A 66 -2.37 -11.89 16.18
N HIS A 67 -2.25 -10.62 16.60
CA HIS A 67 -1.04 -9.83 16.32
C HIS A 67 0.07 -10.04 17.37
N GLY A 68 -0.15 -10.88 18.39
CA GLY A 68 0.85 -11.19 19.41
C GLY A 68 1.08 -10.17 20.51
N LEU A 69 0.08 -9.33 20.85
CA LEU A 69 0.26 -8.33 21.90
C LEU A 69 0.31 -8.96 23.33
N GLU A 70 -0.25 -10.18 23.50
CA GLU A 70 -0.24 -10.95 24.74
C GLU A 70 -0.60 -10.17 26.02
N GLY A 71 -1.64 -9.34 25.93
CA GLY A 71 -2.09 -8.55 27.07
C GLY A 71 -1.16 -7.43 27.49
N ARG A 72 -0.16 -7.09 26.66
CA ARG A 72 0.73 -5.98 26.97
C ARG A 72 0.02 -4.67 26.67
N THR A 73 0.20 -3.69 27.57
CA THR A 73 -0.46 -2.39 27.53
C THR A 73 0.48 -1.21 27.33
N ASP A 74 1.81 -1.43 27.29
CA ASP A 74 2.74 -0.31 27.16
C ASP A 74 2.79 0.25 25.75
N ARG A 75 2.95 1.57 25.66
CA ARG A 75 3.02 2.29 24.39
C ARG A 75 4.15 1.77 23.49
N GLU A 76 5.31 1.48 24.08
CA GLU A 76 6.49 1.05 23.33
C GLU A 76 6.22 -0.25 22.56
N THR A 77 5.61 -1.24 23.21
CA THR A 77 5.29 -2.51 22.55
C THR A 77 4.19 -2.31 21.54
N PHE A 78 3.13 -1.56 21.91
CA PHE A 78 2.03 -1.27 21.01
C PHE A 78 2.49 -0.68 19.65
N LYS A 79 3.38 0.32 19.70
CA LYS A 79 3.88 0.95 18.48
C LYS A 79 4.79 0.01 17.66
N HIS A 80 5.51 -0.91 18.32
CA HIS A 80 6.41 -1.84 17.64
C HIS A 80 5.69 -2.97 16.92
N ILE A 81 4.62 -3.50 17.56
CA ILE A 81 3.88 -4.70 17.17
C ILE A 81 2.68 -4.48 16.24
N MET A 82 1.86 -3.49 16.54
CA MET A 82 0.61 -3.30 15.83
C MET A 82 0.77 -2.54 14.53
N PRO A 83 0.15 -3.01 13.42
CA PRO A 83 0.27 -2.24 12.17
C PRO A 83 -0.60 -0.98 12.18
N VAL A 84 -0.21 0.01 11.38
CA VAL A 84 -0.99 1.22 11.16
C VAL A 84 -1.90 0.79 10.00
N VAL A 85 -3.20 0.97 10.14
CA VAL A 85 -4.18 0.43 9.21
C VAL A 85 -5.10 1.44 8.54
N THR A 86 -5.58 1.08 7.36
CA THR A 86 -6.63 1.78 6.63
C THR A 86 -7.92 0.94 6.91
N TYR A 87 -9.09 1.51 6.54
CA TYR A 87 -10.38 0.83 6.67
C TYR A 87 -10.37 -0.50 5.93
N GLU A 88 -9.83 -0.51 4.72
CA GLU A 88 -9.77 -1.70 3.89
C GLU A 88 -9.01 -2.84 4.57
N ASP A 89 -8.01 -2.53 5.40
CA ASP A 89 -7.25 -3.56 6.12
C ASP A 89 -8.08 -4.25 7.19
N ILE A 90 -9.00 -3.52 7.83
CA ILE A 90 -9.85 -4.07 8.91
C ILE A 90 -11.30 -4.30 8.49
N GLN A 91 -11.62 -4.12 7.20
CA GLN A 91 -12.96 -4.37 6.68
C GLN A 91 -13.39 -5.82 6.84
N PRO A 92 -12.51 -6.85 6.78
CA PRO A 92 -12.99 -8.22 7.06
C PRO A 92 -13.61 -8.34 8.45
N GLU A 93 -12.94 -7.78 9.49
CA GLU A 93 -13.44 -7.83 10.86
C GLU A 93 -14.75 -7.05 10.97
N ILE A 94 -14.79 -5.81 10.44
CA ILE A 94 -15.99 -4.96 10.48
C ILE A 94 -17.19 -5.68 9.85
N ASN A 95 -17.02 -6.22 8.62
CA ASN A 95 -18.08 -6.94 7.93
C ASN A 95 -18.51 -8.19 8.68
N ARG A 96 -17.60 -8.89 9.35
CA ARG A 96 -17.97 -10.06 10.16
C ARG A 96 -18.91 -9.64 11.30
N ILE A 97 -18.59 -8.54 11.98
CA ILE A 97 -19.43 -8.01 13.08
C ILE A 97 -20.77 -7.54 12.47
N ALA A 98 -20.75 -6.84 11.34
CA ALA A 98 -21.96 -6.39 10.64
C ALA A 98 -22.84 -7.57 10.24
N ASN A 99 -22.25 -8.75 9.94
CA ASN A 99 -23.00 -9.96 9.57
C ASN A 99 -23.41 -10.83 10.76
N GLY A 100 -23.21 -10.39 11.99
CA GLY A 100 -23.67 -11.11 13.17
C GLY A 100 -22.65 -11.74 14.11
N ASP A 101 -21.34 -11.61 13.83
CA ASP A 101 -20.32 -12.16 14.73
C ASP A 101 -20.32 -11.33 16.03
N LYS A 102 -20.79 -11.95 17.15
CA LYS A 102 -20.87 -11.34 18.47
C LYS A 102 -19.69 -11.69 19.38
N SER A 103 -18.65 -12.38 18.86
CA SER A 103 -17.47 -12.69 19.64
C SER A 103 -16.61 -11.41 19.80
N GLN A 104 -15.57 -11.50 20.63
CA GLN A 104 -14.68 -10.38 20.89
C GLN A 104 -13.67 -10.29 19.73
N VAL A 105 -14.12 -9.68 18.61
CA VAL A 105 -13.35 -9.56 17.37
C VAL A 105 -12.42 -8.35 17.46
N LEU A 106 -12.97 -7.15 17.67
CA LEU A 106 -12.19 -5.94 17.83
C LEU A 106 -12.32 -5.35 19.23
N CYS A 107 -13.40 -5.67 19.99
CA CYS A 107 -13.65 -5.05 21.28
C CYS A 107 -14.23 -6.09 22.28
N SER A 108 -13.90 -5.91 23.56
CA SER A 108 -14.40 -6.78 24.61
C SER A 108 -15.88 -6.45 24.90
N ASN A 109 -16.24 -5.16 24.85
CA ASN A 109 -17.63 -4.76 25.04
C ASN A 109 -18.38 -5.00 23.73
N PRO A 110 -19.69 -5.35 23.77
CA PRO A 110 -20.39 -5.59 22.51
C PRO A 110 -20.52 -4.33 21.65
N ILE A 111 -20.42 -4.48 20.33
CA ILE A 111 -20.57 -3.37 19.40
C ILE A 111 -22.06 -3.05 19.39
N SER A 112 -22.42 -1.84 19.82
CA SER A 112 -23.82 -1.42 19.95
C SER A 112 -24.45 -1.03 18.63
N GLU A 113 -23.64 -0.49 17.72
CA GLU A 113 -24.10 -0.07 16.41
C GLU A 113 -22.89 0.31 15.54
N PHE A 114 -23.15 0.59 14.26
CA PHE A 114 -22.16 1.10 13.36
C PHE A 114 -22.51 2.54 13.07
N LEU A 115 -21.54 3.43 13.23
CA LEU A 115 -21.73 4.83 12.90
C LEU A 115 -21.18 4.99 11.51
N THR A 116 -22.05 5.35 10.58
CA THR A 116 -21.78 5.33 9.16
C THR A 116 -21.18 6.66 8.77
N SER A 117 -19.89 6.64 8.50
CA SER A 117 -19.15 7.84 8.13
C SER A 117 -19.58 8.42 6.79
N SER A 118 -19.41 9.72 6.61
CA SER A 118 -19.57 10.34 5.31
C SER A 118 -18.38 9.92 4.38
N GLY A 119 -17.25 9.50 4.96
CA GLY A 119 -16.12 8.94 4.24
C GLY A 119 -16.49 7.56 3.74
N THR A 120 -16.13 7.24 2.49
CA THR A 120 -16.55 5.99 1.85
C THR A 120 -15.42 5.03 1.47
N SER A 121 -15.78 3.77 1.29
CA SER A 121 -14.94 2.70 0.80
C SER A 121 -15.80 1.90 -0.16
N GLY A 122 -15.35 1.70 -1.38
CA GLY A 122 -16.16 1.03 -2.39
C GLY A 122 -17.44 1.79 -2.71
N GLY A 123 -17.36 3.12 -2.65
CA GLY A 123 -18.49 4.01 -2.88
C GLY A 123 -19.55 4.03 -1.79
N GLU A 124 -19.35 3.28 -0.69
CA GLU A 124 -20.30 3.11 0.38
C GLU A 124 -19.78 3.70 1.70
N ARG A 125 -20.68 4.11 2.59
CA ARG A 125 -20.28 4.67 3.89
C ARG A 125 -19.42 3.68 4.70
N LYS A 126 -18.32 4.17 5.26
CA LYS A 126 -17.47 3.36 6.13
C LYS A 126 -18.27 3.10 7.43
N LEU A 127 -18.24 1.84 7.88
CA LEU A 127 -18.94 1.42 9.08
C LEU A 127 -17.99 1.50 10.25
N MET A 128 -18.14 2.53 11.10
CA MET A 128 -17.27 2.72 12.24
C MET A 128 -17.87 2.09 13.46
N PRO A 129 -17.17 1.13 14.07
CA PRO A 129 -17.75 0.47 15.25
C PRO A 129 -17.83 1.40 16.44
N THR A 130 -18.88 1.25 17.27
CA THR A 130 -19.00 2.01 18.50
C THR A 130 -19.55 1.09 19.60
N ILE A 131 -19.36 1.51 20.85
CA ILE A 131 -19.87 0.86 22.05
C ILE A 131 -20.67 1.92 22.82
N GLU A 132 -21.63 1.48 23.64
CA GLU A 132 -22.51 2.38 24.40
C GLU A 132 -21.74 3.45 25.21
N GLU A 133 -20.62 3.06 25.83
CA GLU A 133 -19.75 3.95 26.64
C GLU A 133 -19.23 5.17 25.85
N GLU A 134 -19.06 5.04 24.52
CA GLU A 134 -18.54 6.13 23.71
C GLU A 134 -19.45 7.36 23.76
N LEU A 135 -20.77 7.18 23.97
CA LEU A 135 -21.69 8.31 24.13
C LEU A 135 -21.29 9.23 25.30
N ASP A 136 -20.74 8.64 26.38
CA ASP A 136 -20.25 9.40 27.51
C ASP A 136 -19.12 10.34 27.09
N ARG A 137 -18.18 9.85 26.25
CA ARG A 137 -17.08 10.67 25.80
C ARG A 137 -17.55 11.73 24.78
N ARG A 138 -18.57 11.44 23.95
CA ARG A 138 -19.11 12.45 23.03
C ARG A 138 -19.75 13.57 23.88
N SER A 139 -20.54 13.21 24.90
CA SER A 139 -21.16 14.17 25.80
C SER A 139 -20.12 14.96 26.59
N LEU A 140 -18.99 14.33 26.99
CA LEU A 140 -17.91 15.03 27.68
C LEU A 140 -17.38 16.15 26.76
N LEU A 141 -17.05 15.83 25.49
CA LEU A 141 -16.56 16.88 24.60
C LEU A 141 -17.59 18.00 24.38
N TYR A 142 -18.88 17.64 24.21
CA TYR A 142 -19.92 18.66 24.04
C TYR A 142 -20.01 19.57 25.27
N SER A 143 -19.84 18.99 26.46
CA SER A 143 -19.91 19.71 27.76
C SER A 143 -18.85 20.80 27.92
N LEU A 144 -17.77 20.74 27.14
CA LEU A 144 -16.70 21.74 27.22
C LEU A 144 -16.96 22.98 26.37
N LEU A 145 -17.87 22.93 25.38
CA LEU A 145 -18.03 24.03 24.43
C LEU A 145 -18.56 25.33 25.03
N MET A 146 -19.69 25.27 25.75
CA MET A 146 -20.30 26.46 26.35
C MET A 146 -19.44 27.04 27.51
N PRO A 147 -18.83 26.25 28.42
CA PRO A 147 -17.87 26.84 29.38
C PRO A 147 -16.75 27.65 28.69
N VAL A 148 -16.29 27.19 27.50
CA VAL A 148 -15.25 27.90 26.72
C VAL A 148 -15.85 29.19 26.12
N MET A 149 -17.00 29.08 25.48
CA MET A 149 -17.64 30.22 24.84
C MET A 149 -18.00 31.32 25.85
N ASP A 150 -18.56 30.91 27.00
CA ASP A 150 -19.00 31.80 28.06
C ASP A 150 -17.89 32.75 28.58
N GLN A 151 -16.62 32.36 28.44
CA GLN A 151 -15.51 33.23 28.80
C GLN A 151 -15.51 34.49 27.92
N PHE A 152 -15.82 34.33 26.62
CA PHE A 152 -15.78 35.37 25.61
C PHE A 152 -17.11 36.04 25.34
N VAL A 153 -18.21 35.31 25.44
CA VAL A 153 -19.55 35.80 25.15
C VAL A 153 -20.41 35.50 26.38
N PRO A 154 -20.42 36.38 27.39
CA PRO A 154 -21.23 36.11 28.59
C PRO A 154 -22.75 36.24 28.34
N GLY A 155 -23.53 35.68 29.24
CA GLY A 155 -24.98 35.79 29.22
C GLY A 155 -25.74 34.89 28.27
N LEU A 156 -25.11 33.84 27.71
CA LEU A 156 -25.83 32.94 26.79
C LEU A 156 -26.85 32.05 27.48
N ASP A 157 -26.73 31.85 28.81
CA ASP A 157 -27.74 31.14 29.58
C ASP A 157 -29.06 31.94 29.70
N LYS A 158 -29.09 33.25 29.33
CA LYS A 158 -30.32 34.03 29.43
C LYS A 158 -31.22 33.99 28.19
N GLY A 159 -30.88 33.16 27.21
CA GLY A 159 -31.68 33.02 26.02
C GLY A 159 -31.55 31.66 25.40
N LYS A 160 -31.95 31.58 24.14
CA LYS A 160 -31.97 30.34 23.39
C LYS A 160 -31.04 30.36 22.20
N GLY A 161 -30.67 29.17 21.75
CA GLY A 161 -29.91 28.98 20.52
C GLY A 161 -30.86 28.48 19.45
N MET A 162 -30.84 29.06 18.24
CA MET A 162 -31.68 28.58 17.13
C MET A 162 -30.78 27.74 16.25
N TYR A 163 -30.77 26.44 16.52
CA TYR A 163 -30.00 25.48 15.77
C TYR A 163 -30.93 24.59 14.95
N PHE A 164 -30.55 24.36 13.68
CA PHE A 164 -31.27 23.49 12.77
C PHE A 164 -30.52 22.17 12.80
N LEU A 165 -31.04 21.21 13.57
CA LEU A 165 -30.40 19.93 13.78
C LEU A 165 -31.24 18.83 13.14
N PHE A 166 -30.58 17.93 12.43
CA PHE A 166 -31.27 16.93 11.62
C PHE A 166 -30.81 15.49 11.84
N ILE A 167 -31.77 14.59 11.82
CA ILE A 167 -31.52 13.17 11.76
C ILE A 167 -31.52 12.80 10.25
N LYS A 168 -30.88 11.69 9.94
CA LYS A 168 -30.75 11.17 8.59
C LYS A 168 -31.22 9.72 8.56
N SER A 169 -31.37 9.16 7.36
CA SER A 169 -31.82 7.79 7.20
C SER A 169 -30.92 6.80 7.91
N GLU A 170 -31.54 5.76 8.39
CA GLU A 170 -30.98 4.69 9.17
C GLU A 170 -31.25 3.35 8.45
N SER A 171 -30.48 2.32 8.78
CA SER A 171 -30.64 0.98 8.21
C SER A 171 -30.13 -0.05 9.23
N LYS A 172 -30.30 -1.34 8.96
CA LYS A 172 -29.84 -2.40 9.83
C LYS A 172 -28.86 -3.26 9.05
N THR A 173 -27.79 -3.69 9.71
CA THR A 173 -26.80 -4.56 9.07
C THR A 173 -27.42 -5.99 8.96
N PRO A 174 -26.87 -6.91 8.12
CA PRO A 174 -27.44 -8.27 8.07
C PRO A 174 -27.54 -8.99 9.42
N GLY A 175 -26.64 -8.71 10.36
CA GLY A 175 -26.67 -9.30 11.69
C GLY A 175 -27.60 -8.62 12.69
N GLY A 176 -28.32 -7.58 12.26
CA GLY A 176 -29.28 -6.88 13.10
C GLY A 176 -28.84 -5.61 13.80
N LEU A 177 -27.55 -5.24 13.72
CA LEU A 177 -27.08 -4.03 14.41
C LEU A 177 -27.53 -2.78 13.65
N PRO A 178 -27.95 -1.71 14.34
CA PRO A 178 -28.27 -0.47 13.61
C PRO A 178 -27.02 0.14 12.96
N ALA A 179 -27.20 0.77 11.81
CA ALA A 179 -26.16 1.45 11.08
C ALA A 179 -26.74 2.84 10.80
N ARG A 180 -26.18 3.87 11.41
CA ARG A 180 -26.69 5.22 11.23
C ARG A 180 -25.63 6.30 11.48
N PRO A 181 -25.81 7.55 10.96
CA PRO A 181 -24.79 8.55 11.21
C PRO A 181 -24.69 8.88 12.69
N VAL A 182 -23.48 9.26 13.10
CA VAL A 182 -23.14 9.56 14.50
C VAL A 182 -24.11 10.57 15.14
N LEU A 183 -24.49 11.63 14.40
CA LEU A 183 -25.40 12.63 14.96
C LEU A 183 -26.81 12.09 15.09
N THR A 184 -27.26 11.22 14.17
CA THR A 184 -28.59 10.60 14.28
C THR A 184 -28.62 9.72 15.53
N SER A 185 -27.54 8.92 15.74
CA SER A 185 -27.39 8.10 16.93
C SER A 185 -27.42 8.98 18.19
N TYR A 186 -26.69 10.12 18.18
CA TYR A 186 -26.61 10.99 19.35
C TYR A 186 -27.96 11.64 19.69
N TYR A 187 -28.64 12.24 18.69
CA TYR A 187 -29.92 12.90 18.96
C TYR A 187 -30.97 11.92 19.46
N LYS A 188 -30.96 10.69 18.94
CA LYS A 188 -31.91 9.66 19.36
C LYS A 188 -31.57 9.03 20.71
N SER A 189 -30.34 9.19 21.21
CA SER A 189 -29.94 8.65 22.50
C SER A 189 -30.54 9.44 23.66
N SER A 190 -30.54 8.86 24.87
CA SER A 190 -30.99 9.55 26.07
C SER A 190 -30.07 10.73 26.44
N HIS A 191 -28.79 10.69 26.03
CA HIS A 191 -27.87 11.80 26.26
C HIS A 191 -28.35 13.12 25.63
N PHE A 192 -29.25 13.07 24.60
CA PHE A 192 -29.83 14.27 23.99
C PHE A 192 -31.35 14.33 24.21
N LYS A 193 -32.08 13.28 23.81
CA LYS A 193 -33.54 13.23 23.90
C LYS A 193 -34.04 13.43 25.34
N ASN A 194 -33.36 12.83 26.31
CA ASN A 194 -33.76 12.98 27.72
C ASN A 194 -32.65 13.67 28.52
N ARG A 195 -32.02 14.69 27.92
CA ARG A 195 -30.96 15.44 28.58
C ARG A 195 -31.58 16.30 29.69
N PRO A 196 -30.85 16.57 30.79
CA PRO A 196 -31.44 17.42 31.85
C PRO A 196 -31.51 18.89 31.42
N TYR A 197 -32.37 19.70 32.08
CA TYR A 197 -32.48 21.11 31.73
C TYR A 197 -31.15 21.82 31.96
N ASP A 198 -30.61 22.39 30.89
CA ASP A 198 -29.37 23.15 30.91
C ASP A 198 -29.72 24.45 30.16
N PRO A 199 -29.64 25.63 30.81
CA PRO A 199 -30.00 26.86 30.07
C PRO A 199 -29.06 27.18 28.91
N TYR A 200 -27.90 26.51 28.86
CA TYR A 200 -26.92 26.62 27.79
C TYR A 200 -27.24 25.64 26.61
N THR A 201 -28.08 24.59 26.79
CA THR A 201 -28.56 23.72 25.70
C THR A 201 -30.07 23.94 25.51
N ASN A 202 -30.54 25.17 25.68
CA ASN A 202 -31.94 25.52 25.52
C ASN A 202 -32.10 26.00 24.08
N TYR A 203 -32.68 25.15 23.23
CA TYR A 203 -32.83 25.44 21.82
C TYR A 203 -34.26 25.75 21.45
N THR A 204 -34.44 26.57 20.41
CA THR A 204 -35.78 26.88 19.91
C THR A 204 -36.47 25.62 19.34
N SER A 205 -35.68 24.64 18.87
CA SER A 205 -36.22 23.43 18.28
C SER A 205 -36.59 22.38 19.31
N PRO A 206 -37.88 22.01 19.46
CA PRO A 206 -38.20 20.88 20.34
C PRO A 206 -37.55 19.59 19.81
N ASN A 207 -37.24 18.67 20.71
CA ASN A 207 -36.63 17.39 20.31
C ASN A 207 -37.41 16.64 19.25
N GLN A 208 -38.74 16.72 19.32
CA GLN A 208 -39.65 16.06 18.40
C GLN A 208 -39.57 16.62 16.97
N THR A 209 -39.11 17.87 16.80
CA THR A 209 -38.92 18.46 15.47
C THR A 209 -37.60 17.96 14.86
N ILE A 210 -36.57 17.78 15.69
CA ILE A 210 -35.27 17.28 15.27
C ILE A 210 -35.39 15.80 14.91
N LEU A 211 -36.10 15.04 15.74
CA LEU A 211 -36.22 13.61 15.54
C LEU A 211 -37.31 13.19 14.57
N CYS A 212 -37.81 14.12 13.75
CA CYS A 212 -38.78 13.80 12.73
C CYS A 212 -38.00 13.29 11.52
N SER A 213 -38.33 12.10 11.01
CA SER A 213 -37.66 11.48 9.85
C SER A 213 -37.97 12.18 8.52
N ASP A 214 -39.09 12.87 8.41
CA ASP A 214 -39.43 13.63 7.22
C ASP A 214 -38.62 14.96 7.27
N SER A 215 -37.64 15.14 6.38
CA SER A 215 -36.77 16.32 6.39
C SER A 215 -37.51 17.63 6.10
N TYR A 216 -38.54 17.61 5.25
CA TYR A 216 -39.34 18.80 4.97
C TYR A 216 -40.06 19.25 6.25
N GLN A 217 -40.70 18.31 6.96
CA GLN A 217 -41.45 18.63 8.17
C GLN A 217 -40.52 19.04 9.30
N SER A 218 -39.30 18.47 9.37
CA SER A 218 -38.34 18.85 10.39
C SER A 218 -37.89 20.29 10.14
N MET A 219 -37.56 20.63 8.89
CA MET A 219 -37.09 21.97 8.55
C MET A 219 -38.18 23.03 8.76
N TYR A 220 -39.41 22.76 8.28
CA TYR A 220 -40.52 23.69 8.42
C TYR A 220 -40.82 23.98 9.88
N SER A 221 -40.97 22.93 10.70
CA SER A 221 -41.29 23.10 12.12
C SER A 221 -40.19 23.78 12.89
N GLN A 222 -38.91 23.48 12.60
CA GLN A 222 -37.79 24.13 13.27
C GLN A 222 -37.73 25.61 12.88
N MET A 223 -37.92 25.92 11.60
CA MET A 223 -37.92 27.32 11.17
C MET A 223 -39.10 28.08 11.84
N LEU A 224 -40.30 27.50 11.90
CA LEU A 224 -41.45 28.16 12.51
C LEU A 224 -41.21 28.42 14.00
N CYS A 225 -40.72 27.42 14.73
CA CYS A 225 -40.40 27.58 16.14
C CYS A 225 -39.34 28.65 16.37
N GLY A 226 -38.34 28.70 15.49
CA GLY A 226 -37.30 29.73 15.57
C GLY A 226 -37.88 31.13 15.40
N LEU A 227 -38.82 31.30 14.47
CA LEU A 227 -39.46 32.60 14.25
C LEU A 227 -40.35 32.95 15.44
N CYS A 228 -41.14 31.99 15.94
CA CYS A 228 -42.02 32.23 17.10
C CYS A 228 -41.27 32.74 18.32
N GLN A 229 -40.04 32.26 18.55
CA GLN A 229 -39.26 32.64 19.73
C GLN A 229 -38.10 33.57 19.34
N HIS A 230 -38.24 34.35 18.25
CA HIS A 230 -37.14 35.13 17.67
C HIS A 230 -36.40 36.09 18.59
N LYS A 231 -37.10 36.76 19.52
CA LYS A 231 -36.42 37.70 20.42
C LYS A 231 -35.53 37.02 21.46
N GLU A 232 -35.82 35.76 21.78
CA GLU A 232 -35.03 35.01 22.75
C GLU A 232 -33.70 34.48 22.16
N VAL A 233 -33.54 34.52 20.82
CA VAL A 233 -32.40 33.94 20.11
C VAL A 233 -31.13 34.78 20.30
N LEU A 234 -30.11 34.19 20.93
CA LEU A 234 -28.80 34.83 21.15
C LEU A 234 -27.67 34.26 20.29
N ARG A 235 -27.93 33.18 19.57
CA ARG A 235 -26.99 32.52 18.66
C ARG A 235 -27.79 31.64 17.70
N VAL A 236 -27.26 31.45 16.50
CA VAL A 236 -27.90 30.68 15.44
C VAL A 236 -26.90 29.75 14.81
N GLY A 237 -27.39 28.68 14.22
CA GLY A 237 -26.50 27.78 13.52
C GLY A 237 -27.05 26.43 13.17
N ALA A 238 -26.10 25.55 12.89
CA ALA A 238 -26.27 24.16 12.45
C ALA A 238 -24.88 23.49 12.54
N VAL A 239 -24.79 22.15 12.42
CA VAL A 239 -23.48 21.49 12.50
C VAL A 239 -22.54 22.02 11.35
N PHE A 240 -23.11 22.08 10.12
CA PHE A 240 -22.45 22.55 8.90
C PHE A 240 -22.98 23.87 8.37
N ALA A 241 -22.09 24.70 7.80
CA ALA A 241 -22.43 25.95 7.10
C ALA A 241 -23.49 25.68 6.03
N SER A 242 -23.29 24.57 5.29
CA SER A 242 -24.21 24.14 4.27
C SER A 242 -25.64 23.97 4.84
N GLY A 243 -25.77 23.33 6.00
CA GLY A 243 -27.07 23.12 6.65
C GLY A 243 -27.78 24.39 7.06
N PHE A 244 -27.03 25.36 7.57
CA PHE A 244 -27.58 26.63 7.97
C PHE A 244 -28.01 27.43 6.74
N ILE A 245 -27.17 27.45 5.70
CA ILE A 245 -27.47 28.05 4.40
C ILE A 245 -28.78 27.48 3.82
N ARG A 246 -28.94 26.17 3.92
CA ARG A 246 -30.18 25.50 3.50
C ARG A 246 -31.41 25.93 4.28
N ALA A 247 -31.27 26.23 5.57
CA ALA A 247 -32.38 26.74 6.41
C ALA A 247 -32.79 28.14 5.93
N ILE A 248 -31.81 29.01 5.60
CA ILE A 248 -32.12 30.37 5.12
C ILE A 248 -32.86 30.31 3.78
N LYS A 249 -32.40 29.41 2.86
CA LYS A 249 -33.09 29.23 1.60
C LYS A 249 -34.52 28.70 1.82
N PHE A 250 -34.75 27.83 2.83
CA PHE A 250 -36.07 27.30 3.14
C PHE A 250 -37.02 28.43 3.54
N LEU A 251 -36.54 29.38 4.37
CA LEU A 251 -37.30 30.56 4.77
C LEU A 251 -37.64 31.41 3.55
N GLU A 252 -36.68 31.55 2.62
CA GLU A 252 -36.89 32.28 1.37
C GLU A 252 -38.04 31.69 0.56
N LYS A 253 -38.15 30.36 0.51
CA LYS A 253 -39.21 29.71 -0.27
C LYS A 253 -40.52 29.55 0.50
N HIS A 254 -40.52 29.60 1.84
CA HIS A 254 -41.73 29.30 2.61
C HIS A 254 -42.18 30.37 3.61
N TRP A 255 -41.56 31.57 3.64
CA TRP A 255 -41.95 32.59 4.59
C TRP A 255 -43.44 33.00 4.48
N PRO A 256 -44.09 33.10 3.29
CA PRO A 256 -45.52 33.45 3.30
C PRO A 256 -46.37 32.43 4.09
N GLU A 257 -46.06 31.11 3.98
CA GLU A 257 -46.81 30.07 4.71
C GLU A 257 -46.50 30.14 6.19
N LEU A 258 -45.22 30.30 6.52
CA LEU A 258 -44.80 30.38 7.90
C LEU A 258 -45.43 31.59 8.62
N ALA A 259 -45.48 32.76 7.96
CA ALA A 259 -46.11 33.94 8.57
C ALA A 259 -47.61 33.74 8.73
N ARG A 260 -48.26 33.05 7.81
CA ARG A 260 -49.69 32.74 7.89
C ARG A 260 -49.98 31.91 9.14
N ASP A 261 -49.13 30.89 9.40
CA ASP A 261 -49.24 30.02 10.57
C ASP A 261 -49.06 30.82 11.84
N ILE A 262 -48.12 31.78 11.86
CA ILE A 262 -47.93 32.66 13.02
C ILE A 262 -49.19 33.51 13.20
N ARG A 263 -49.68 34.15 12.12
CA ARG A 263 -50.84 35.05 12.22
C ARG A 263 -52.07 34.32 12.77
N THR A 264 -52.36 33.14 12.25
CA THR A 264 -53.53 32.36 12.64
C THR A 264 -53.34 31.48 13.89
N GLY A 265 -52.09 31.17 14.23
CA GLY A 265 -51.79 30.25 15.32
C GLY A 265 -52.09 28.79 14.96
N THR A 266 -52.28 28.48 13.65
CA THR A 266 -52.59 27.12 13.16
C THR A 266 -51.40 26.62 12.36
N LEU A 267 -50.95 25.40 12.63
CA LEU A 267 -49.82 24.83 11.91
C LEU A 267 -50.29 24.28 10.56
N SER A 268 -49.47 24.49 9.51
CA SER A 268 -49.72 24.00 8.15
C SER A 268 -50.18 22.54 8.11
N SER A 269 -51.24 22.27 7.34
CA SER A 269 -51.79 20.92 7.17
C SER A 269 -50.78 19.95 6.54
N GLU A 270 -49.72 20.47 5.87
CA GLU A 270 -48.67 19.62 5.32
C GLU A 270 -47.77 19.01 6.41
N ILE A 271 -47.89 19.44 7.68
CA ILE A 271 -47.13 18.86 8.77
C ILE A 271 -48.08 17.81 9.37
N THR A 272 -48.03 16.59 8.82
CA THR A 272 -48.91 15.50 9.22
C THR A 272 -48.40 14.71 10.43
N ASP A 273 -47.09 14.79 10.74
CA ASP A 273 -46.51 14.07 11.88
C ASP A 273 -47.11 14.60 13.20
N SER A 274 -47.77 13.71 13.96
CA SER A 274 -48.47 14.06 15.21
C SER A 274 -47.56 14.54 16.33
N SER A 275 -46.36 13.95 16.45
CA SER A 275 -45.39 14.39 17.46
C SER A 275 -44.94 15.82 17.16
N VAL A 276 -44.74 16.15 15.88
CA VAL A 276 -44.33 17.49 15.48
C VAL A 276 -45.47 18.47 15.77
N ARG A 277 -46.72 18.14 15.37
CA ARG A 277 -47.87 19.03 15.65
C ARG A 277 -48.00 19.33 17.14
N GLU A 278 -47.87 18.30 17.99
CA GLU A 278 -47.98 18.47 19.43
C GLU A 278 -46.88 19.39 19.97
N ALA A 279 -45.62 19.15 19.56
CA ALA A 279 -44.49 19.96 20.04
C ALA A 279 -44.61 21.41 19.58
N VAL A 280 -45.00 21.63 18.31
CA VAL A 280 -45.19 22.97 17.75
C VAL A 280 -46.38 23.68 18.44
N GLY A 281 -47.44 22.93 18.77
CA GLY A 281 -48.62 23.44 19.46
C GLY A 281 -48.33 24.08 20.81
N GLU A 282 -47.24 23.66 21.48
CA GLU A 282 -46.84 24.26 22.74
C GLU A 282 -46.13 25.62 22.58
N ILE A 283 -45.67 25.96 21.36
CA ILE A 283 -44.93 27.20 21.07
C ILE A 283 -45.79 28.17 20.24
N LEU A 284 -46.40 27.66 19.16
CA LEU A 284 -47.19 28.45 18.23
C LEU A 284 -48.46 29.05 18.84
N LYS A 285 -48.60 30.37 18.70
CA LYS A 285 -49.79 31.09 19.18
C LYS A 285 -50.21 32.13 18.14
N PRO A 286 -51.50 32.53 18.05
CA PRO A 286 -51.87 33.63 17.13
C PRO A 286 -51.10 34.90 17.46
N ASP A 287 -50.35 35.43 16.48
CA ASP A 287 -49.52 36.61 16.68
C ASP A 287 -49.47 37.43 15.36
N PRO A 288 -50.54 38.18 15.02
CA PRO A 288 -50.53 38.95 13.78
C PRO A 288 -49.40 39.98 13.67
N LYS A 289 -48.98 40.57 14.79
CA LYS A 289 -47.92 41.58 14.77
C LYS A 289 -46.60 40.94 14.39
N LEU A 290 -46.31 39.73 14.90
CA LEU A 290 -45.07 39.03 14.55
C LEU A 290 -45.14 38.62 13.08
N ALA A 291 -46.31 38.14 12.61
CA ALA A 291 -46.49 37.80 11.20
C ALA A 291 -46.25 39.02 10.30
N ASP A 292 -46.76 40.21 10.68
CA ASP A 292 -46.51 41.46 9.96
C ASP A 292 -44.99 41.74 9.88
N PHE A 293 -44.28 41.55 10.99
CA PHE A 293 -42.85 41.81 11.08
C PHE A 293 -42.05 40.82 10.21
N VAL A 294 -42.39 39.53 10.27
CA VAL A 294 -41.72 38.50 9.45
C VAL A 294 -41.93 38.81 7.97
N GLU A 295 -43.16 39.13 7.58
CA GLU A 295 -43.47 39.48 6.19
C GLU A 295 -42.70 40.74 5.77
N SER A 296 -42.66 41.79 6.61
CA SER A 296 -41.96 43.03 6.26
C SER A 296 -40.44 42.82 6.03
N GLU A 297 -39.79 41.93 6.78
CA GLU A 297 -38.36 41.64 6.58
C GLU A 297 -38.10 40.72 5.38
N CYS A 298 -38.93 39.69 5.21
CA CYS A 298 -38.77 38.72 4.12
C CYS A 298 -39.16 39.27 2.75
N ARG A 299 -40.11 40.23 2.69
CA ARG A 299 -40.51 40.87 1.44
C ARG A 299 -39.42 41.76 0.85
N LYS A 300 -38.45 42.22 1.64
CA LYS A 300 -37.37 43.08 1.14
C LYS A 300 -36.57 42.37 0.08
N THR A 301 -36.20 43.10 -0.99
CA THR A 301 -35.46 42.52 -2.11
C THR A 301 -34.11 41.98 -1.64
N SER A 302 -33.39 42.75 -0.84
CA SER A 302 -32.11 42.34 -0.31
C SER A 302 -32.27 41.60 1.01
N TRP A 303 -31.71 40.38 1.06
CA TRP A 303 -31.66 39.58 2.27
C TRP A 303 -30.31 39.70 2.99
N GLN A 304 -29.52 40.75 2.66
CA GLN A 304 -28.28 41.04 3.37
C GLN A 304 -28.64 41.45 4.79
N GLY A 305 -28.10 40.75 5.76
CA GLY A 305 -28.38 41.00 7.17
C GLY A 305 -29.73 40.52 7.68
N ILE A 306 -30.46 39.69 6.93
CA ILE A 306 -31.78 39.21 7.36
C ILE A 306 -31.75 38.42 8.70
N ILE A 307 -30.62 37.80 9.04
CA ILE A 307 -30.50 37.08 10.31
C ILE A 307 -30.59 38.08 11.47
N THR A 308 -29.87 39.21 11.40
CA THR A 308 -29.88 40.21 12.48
C THR A 308 -31.17 41.07 12.52
N ARG A 309 -32.01 41.01 11.46
CA ARG A 309 -33.27 41.76 11.40
C ARG A 309 -34.41 40.90 12.00
N LEU A 310 -34.41 39.60 11.74
CA LEU A 310 -35.41 38.68 12.32
C LEU A 310 -35.02 38.18 13.72
N TRP A 311 -33.72 37.97 13.96
CA TRP A 311 -33.19 37.50 15.23
C TRP A 311 -32.20 38.60 15.70
N PRO A 312 -32.73 39.73 16.19
CA PRO A 312 -31.85 40.87 16.49
C PRO A 312 -30.89 40.73 17.67
N ASN A 313 -31.09 39.77 18.57
CA ASN A 313 -30.17 39.57 19.69
C ASN A 313 -29.08 38.53 19.39
N THR A 314 -29.00 38.03 18.13
CA THR A 314 -27.99 37.06 17.72
C THR A 314 -26.60 37.67 17.87
N LYS A 315 -25.73 36.94 18.59
CA LYS A 315 -24.36 37.37 18.87
C LYS A 315 -23.37 36.76 17.88
N TYR A 316 -23.66 35.56 17.37
CA TYR A 316 -22.77 34.86 16.44
C TYR A 316 -23.50 33.76 15.68
N VAL A 317 -22.89 33.29 14.59
CA VAL A 317 -23.35 32.21 13.74
C VAL A 317 -22.38 31.02 14.02
N ASP A 318 -22.93 29.94 14.56
CA ASP A 318 -22.19 28.76 15.01
C ASP A 318 -22.37 27.62 13.99
N VAL A 319 -21.39 27.47 13.10
CA VAL A 319 -21.37 26.51 12.01
C VAL A 319 -19.90 26.15 11.70
N ILE A 320 -19.65 24.92 11.27
CA ILE A 320 -18.31 24.56 10.85
C ILE A 320 -18.05 25.26 9.51
N VAL A 321 -17.02 26.10 9.47
CA VAL A 321 -16.56 26.77 8.23
C VAL A 321 -15.05 26.51 8.01
N THR A 322 -14.51 25.47 8.61
CA THR A 322 -13.15 25.00 8.38
C THR A 322 -13.28 23.82 7.40
N GLY A 323 -12.17 23.48 6.76
CA GLY A 323 -12.14 22.45 5.75
C GLY A 323 -12.88 22.94 4.52
N THR A 324 -13.54 22.03 3.83
CA THR A 324 -14.29 22.34 2.61
C THR A 324 -15.46 23.32 2.88
N MET A 325 -16.03 23.34 4.13
CA MET A 325 -17.13 24.23 4.46
C MET A 325 -16.79 25.72 4.40
N SER A 326 -15.48 26.06 4.29
CA SER A 326 -15.01 27.43 4.14
C SER A 326 -15.56 28.13 2.90
N GLN A 327 -15.92 27.37 1.87
CA GLN A 327 -16.55 27.89 0.64
C GLN A 327 -17.85 28.67 0.93
N TYR A 328 -18.51 28.46 2.09
CA TYR A 328 -19.76 29.14 2.45
C TYR A 328 -19.60 30.43 3.25
N ILE A 329 -18.37 30.83 3.59
CA ILE A 329 -18.16 32.03 4.41
C ILE A 329 -18.80 33.30 3.76
N PRO A 330 -18.55 33.64 2.48
CA PRO A 330 -19.20 34.84 1.91
C PRO A 330 -20.74 34.84 1.94
N THR A 331 -21.36 33.69 1.75
CA THR A 331 -22.83 33.59 1.79
C THR A 331 -23.32 33.85 3.22
N LEU A 332 -22.66 33.23 4.20
CA LEU A 332 -23.04 33.43 5.61
C LEU A 332 -22.86 34.87 6.05
N ASP A 333 -21.73 35.50 5.66
CA ASP A 333 -21.48 36.89 6.00
C ASP A 333 -22.53 37.81 5.37
N TYR A 334 -23.01 37.50 4.17
CA TYR A 334 -24.06 38.25 3.50
C TYR A 334 -25.37 38.21 4.32
N TYR A 335 -25.84 37.00 4.66
CA TYR A 335 -27.08 36.84 5.43
C TYR A 335 -26.98 37.38 6.86
N SER A 336 -25.79 37.39 7.46
CA SER A 336 -25.62 37.85 8.85
C SER A 336 -25.08 39.26 9.01
N ASN A 337 -24.77 39.97 7.92
CA ASN A 337 -24.16 41.29 7.98
C ASN A 337 -22.81 41.26 8.74
N GLY A 338 -22.03 40.21 8.53
CA GLY A 338 -20.72 40.09 9.15
C GLY A 338 -20.69 39.74 10.63
N LEU A 339 -21.69 38.97 11.14
CA LEU A 339 -21.63 38.51 12.52
C LEU A 339 -20.44 37.52 12.67
N PRO A 340 -19.85 37.37 13.86
CA PRO A 340 -18.75 36.39 14.00
C PRO A 340 -19.18 34.98 13.62
N LEU A 341 -18.29 34.25 12.91
CA LEU A 341 -18.48 32.87 12.55
C LEU A 341 -17.65 32.06 13.49
N VAL A 342 -18.29 31.12 14.19
CA VAL A 342 -17.71 30.31 15.24
C VAL A 342 -17.66 28.83 14.87
N CYS A 343 -16.46 28.23 14.89
CA CYS A 343 -16.17 26.80 14.64
C CYS A 343 -15.81 26.22 15.96
N THR A 344 -16.72 25.48 16.59
CA THR A 344 -16.51 25.05 17.95
C THR A 344 -15.78 23.74 18.16
N MET A 345 -15.98 22.75 17.27
CA MET A 345 -15.38 21.45 17.49
C MET A 345 -15.07 20.65 16.22
N TYR A 346 -14.17 19.66 16.41
CA TYR A 346 -13.65 18.80 15.36
C TYR A 346 -13.90 17.37 15.82
N ALA A 347 -14.68 16.62 15.04
CA ALA A 347 -15.13 15.28 15.40
C ALA A 347 -15.46 14.43 14.15
N SER A 348 -15.56 13.11 14.36
CA SER A 348 -15.88 12.13 13.34
C SER A 348 -16.70 10.97 13.92
N SER A 349 -17.23 10.13 13.01
CA SER A 349 -17.95 8.90 13.33
C SER A 349 -17.11 7.99 14.21
N GLU A 350 -15.83 7.83 13.89
CA GLU A 350 -14.96 6.94 14.63
C GLU A 350 -14.52 7.51 16.00
N CYS A 351 -14.43 8.84 16.11
CA CYS A 351 -13.92 9.46 17.33
C CYS A 351 -14.15 10.95 17.36
N TYR A 352 -14.60 11.48 18.48
CA TYR A 352 -14.71 12.92 18.69
C TYR A 352 -13.29 13.36 19.05
N PHE A 353 -12.79 14.45 18.43
CA PHE A 353 -11.38 14.81 18.55
C PHE A 353 -11.06 16.01 19.48
N GLY A 354 -11.59 17.21 19.15
CA GLY A 354 -11.21 18.39 19.89
C GLY A 354 -12.12 19.58 19.83
N VAL A 355 -11.66 20.65 20.51
CA VAL A 355 -12.41 21.88 20.70
C VAL A 355 -11.57 23.10 20.31
N ASN A 356 -12.23 24.12 19.79
CA ASN A 356 -11.61 25.39 19.50
C ASN A 356 -11.61 26.22 20.79
N LEU A 357 -10.44 26.47 21.35
CA LEU A 357 -10.29 27.27 22.57
C LEU A 357 -10.27 28.78 22.31
N ARG A 358 -10.38 29.20 21.03
CA ARG A 358 -10.50 30.61 20.61
C ARG A 358 -11.72 30.69 19.69
N PRO A 359 -12.95 30.46 20.20
CA PRO A 359 -14.11 30.47 19.30
C PRO A 359 -14.38 31.78 18.55
N LEU A 360 -13.88 32.93 19.04
CA LEU A 360 -14.04 34.20 18.36
C LEU A 360 -12.89 34.57 17.42
N CYS A 361 -12.00 33.62 17.12
CA CYS A 361 -10.93 33.85 16.15
C CYS A 361 -11.55 33.94 14.73
N LYS A 362 -10.76 34.39 13.76
CA LYS A 362 -11.21 34.45 12.38
C LYS A 362 -11.27 33.02 11.81
N PRO A 363 -12.17 32.67 10.88
CA PRO A 363 -12.20 31.29 10.34
C PRO A 363 -10.86 30.74 9.85
N SER A 364 -10.04 31.60 9.22
CA SER A 364 -8.72 31.22 8.72
C SER A 364 -7.70 30.95 9.82
N GLU A 365 -7.97 31.38 11.08
CA GLU A 365 -7.08 31.21 12.21
C GLU A 365 -7.52 30.06 13.15
N VAL A 366 -8.56 29.28 12.78
CA VAL A 366 -9.07 28.23 13.67
C VAL A 366 -8.08 27.10 13.86
N SER A 367 -7.89 26.72 15.11
CA SER A 367 -7.11 25.54 15.47
C SER A 367 -7.87 24.82 16.57
N TYR A 368 -7.82 23.48 16.54
CA TYR A 368 -8.54 22.58 17.41
C TYR A 368 -7.59 21.90 18.36
N THR A 369 -7.89 21.98 19.65
CA THR A 369 -7.11 21.35 20.70
C THR A 369 -7.72 19.99 20.90
N LEU A 370 -6.97 18.94 20.56
CA LEU A 370 -7.45 17.57 20.77
C LEU A 370 -7.47 17.29 22.26
N ILE A 371 -8.55 16.66 22.73
CA ILE A 371 -8.74 16.38 24.14
C ILE A 371 -8.16 14.98 24.36
N PRO A 372 -7.09 14.84 25.16
CA PRO A 372 -6.40 13.53 25.25
C PRO A 372 -7.19 12.38 25.89
N ASN A 373 -8.35 12.63 26.49
CA ASN A 373 -9.19 11.56 27.05
C ASN A 373 -10.02 10.82 26.00
N MET A 374 -10.13 11.34 24.78
CA MET A 374 -11.01 10.77 23.76
C MET A 374 -10.54 9.47 23.15
N ALA A 375 -9.23 9.37 22.91
CA ALA A 375 -8.61 8.25 22.23
C ALA A 375 -7.08 8.40 22.32
N TYR A 376 -6.33 7.35 21.94
CA TYR A 376 -4.91 7.42 21.88
C TYR A 376 -4.56 7.90 20.46
N PHE A 377 -3.98 9.10 20.38
CA PHE A 377 -3.68 9.77 19.11
C PHE A 377 -2.21 9.67 18.73
N GLU A 378 -1.95 9.36 17.46
CA GLU A 378 -0.64 9.29 16.86
C GLU A 378 -0.65 10.05 15.53
N PHE A 379 0.53 10.48 15.10
CA PHE A 379 0.69 11.38 13.97
C PHE A 379 1.77 10.91 13.00
N LEU A 380 1.39 10.76 11.72
CA LEU A 380 2.29 10.34 10.67
C LEU A 380 2.80 11.59 9.98
N PRO A 381 4.11 11.90 9.96
CA PRO A 381 4.55 13.11 9.26
C PRO A 381 4.24 13.06 7.77
N VAL A 382 3.74 14.17 7.18
CA VAL A 382 3.46 14.28 5.74
C VAL A 382 4.38 15.35 5.15
N HIS A 383 5.00 15.06 4.00
CA HIS A 383 5.99 15.93 3.34
C HIS A 383 5.71 16.05 1.81
N ALA A 397 1.68 3.28 1.16
CA ALA A 397 2.31 2.19 1.89
C ALA A 397 3.31 2.72 2.90
N LEU A 398 3.19 2.33 4.17
CA LEU A 398 4.11 2.78 5.20
C LEU A 398 5.14 1.72 5.49
N THR A 399 6.41 2.13 5.64
CA THR A 399 7.48 1.18 5.97
C THR A 399 7.34 0.78 7.46
N GLU A 400 8.07 -0.29 7.90
CA GLU A 400 8.08 -0.73 9.30
C GLU A 400 8.54 0.42 10.20
N LYS A 401 9.65 1.09 9.82
CA LYS A 401 10.20 2.21 10.58
C LYS A 401 9.16 3.32 10.74
N GLU A 402 8.50 3.73 9.65
CA GLU A 402 7.48 4.78 9.69
C GLU A 402 6.32 4.42 10.63
N GLN A 403 5.88 3.16 10.62
CA GLN A 403 4.78 2.73 11.49
C GLN A 403 5.20 2.76 12.95
N GLN A 404 6.40 2.24 13.26
CA GLN A 404 6.90 2.18 14.63
C GLN A 404 7.21 3.57 15.18
N GLU A 405 7.59 4.53 14.30
CA GLU A 405 7.98 5.88 14.70
C GLU A 405 6.90 6.93 14.52
N LEU A 406 5.58 6.55 14.58
CA LEU A 406 4.53 7.58 14.55
C LEU A 406 4.70 8.50 15.77
N VAL A 407 4.47 9.78 15.58
CA VAL A 407 4.74 10.78 16.59
C VAL A 407 3.59 10.85 17.57
N ASP A 408 3.90 10.88 18.85
CA ASP A 408 2.87 11.04 19.88
C ASP A 408 2.33 12.46 19.92
N LEU A 409 1.13 12.60 20.46
CA LEU A 409 0.41 13.86 20.58
C LEU A 409 1.28 15.05 21.08
N VAL A 410 1.96 14.89 22.21
CA VAL A 410 2.77 15.97 22.77
C VAL A 410 4.07 16.25 22.01
N ASP A 411 4.53 15.31 21.17
CA ASP A 411 5.80 15.42 20.44
C ASP A 411 5.70 16.01 19.05
N VAL A 412 4.49 16.39 18.60
CA VAL A 412 4.33 17.02 17.29
C VAL A 412 5.02 18.38 17.28
N LYS A 413 5.53 18.81 16.13
CA LYS A 413 6.28 20.05 16.01
C LYS A 413 5.52 21.18 15.32
N LEU A 414 5.70 22.40 15.83
CA LEU A 414 5.06 23.61 15.32
C LEU A 414 5.29 23.79 13.82
N GLY A 415 4.22 24.10 13.09
CA GLY A 415 4.28 24.32 11.65
C GLY A 415 4.36 23.06 10.80
N GLN A 416 4.52 21.87 11.40
CA GLN A 416 4.61 20.63 10.64
C GLN A 416 3.24 20.00 10.39
N GLU A 417 3.10 19.31 9.25
CA GLU A 417 1.85 18.65 8.87
C GLU A 417 1.92 17.15 9.15
N TYR A 418 0.79 16.60 9.56
CA TYR A 418 0.70 15.20 9.93
C TYR A 418 -0.65 14.63 9.55
N GLU A 419 -0.68 13.31 9.37
CA GLU A 419 -1.91 12.58 9.17
C GLU A 419 -2.32 12.05 10.55
N LEU A 420 -3.63 12.21 10.89
CA LEU A 420 -4.16 11.75 12.17
C LEU A 420 -4.39 10.25 12.17
N VAL A 421 -3.88 9.58 13.22
CA VAL A 421 -3.99 8.14 13.44
C VAL A 421 -4.62 7.97 14.82
N VAL A 422 -5.65 7.11 14.94
CA VAL A 422 -6.39 6.97 16.19
C VAL A 422 -6.56 5.51 16.67
N THR A 423 -6.52 5.32 18.00
CA THR A 423 -6.77 4.06 18.68
C THR A 423 -7.87 4.38 19.67
N THR A 424 -9.04 3.77 19.46
CA THR A 424 -10.25 4.06 20.19
C THR A 424 -10.68 2.93 21.14
N TYR A 425 -11.65 3.25 22.03
CA TYR A 425 -12.26 2.29 22.93
C TYR A 425 -13.22 1.34 22.20
N ALA A 426 -13.51 1.55 20.91
CA ALA A 426 -14.44 0.72 20.16
C ALA A 426 -13.82 -0.11 19.02
N GLY A 427 -12.61 -0.59 19.21
CA GLY A 427 -12.01 -1.52 18.25
C GLY A 427 -11.16 -1.04 17.11
N LEU A 428 -10.80 0.25 17.06
CA LEU A 428 -9.88 0.74 16.03
C LEU A 428 -8.50 0.85 16.65
N TYR A 429 -7.50 0.21 16.05
CA TYR A 429 -6.14 0.23 16.58
C TYR A 429 -5.24 0.78 15.49
N ARG A 430 -4.70 1.97 15.73
CA ARG A 430 -3.80 2.66 14.82
C ARG A 430 -4.47 2.84 13.45
N TYR A 431 -5.69 3.39 13.46
CA TYR A 431 -6.49 3.58 12.27
C TYR A 431 -6.20 4.96 11.69
N ARG A 432 -5.91 5.01 10.38
CA ARG A 432 -5.63 6.25 9.66
C ARG A 432 -6.97 6.92 9.31
N VAL A 433 -7.25 8.04 9.95
CA VAL A 433 -8.50 8.78 9.72
C VAL A 433 -8.58 9.36 8.29
N GLY A 434 -7.44 9.79 7.78
CA GLY A 434 -7.33 10.41 6.47
C GLY A 434 -7.23 11.92 6.56
N ASP A 435 -7.34 12.52 7.76
CA ASP A 435 -7.21 13.96 7.92
C ASP A 435 -5.77 14.38 8.06
N VAL A 436 -5.40 15.48 7.37
CA VAL A 436 -4.10 16.12 7.39
C VAL A 436 -4.29 17.37 8.23
N LEU A 437 -3.47 17.53 9.27
CA LEU A 437 -3.52 18.60 10.25
C LEU A 437 -2.17 19.30 10.31
N SER A 438 -2.18 20.57 10.66
CA SER A 438 -0.95 21.34 10.80
C SER A 438 -0.88 21.88 12.24
N VAL A 439 0.30 21.84 12.87
CA VAL A 439 0.45 22.31 14.25
C VAL A 439 0.52 23.84 14.25
N ALA A 440 -0.50 24.49 14.83
CA ALA A 440 -0.60 25.94 14.93
C ALA A 440 -0.05 26.50 16.26
N GLY A 441 -0.06 25.67 17.31
CA GLY A 441 0.40 26.10 18.63
C GLY A 441 0.10 25.04 19.67
N PHE A 442 0.24 25.41 20.94
CA PHE A 442 0.01 24.50 22.05
C PHE A 442 -0.79 25.17 23.16
N LYS A 443 -1.65 24.37 23.81
CA LYS A 443 -2.37 24.76 25.01
C LYS A 443 -1.70 23.90 26.07
N ASN A 444 -0.77 24.49 26.85
CA ASN A 444 0.04 23.77 27.84
C ASN A 444 0.86 22.72 27.05
N ASN A 445 0.71 21.39 27.26
CA ASN A 445 1.43 20.41 26.46
C ASN A 445 0.60 19.82 25.31
N ALA A 446 -0.67 20.24 25.14
CA ALA A 446 -1.54 19.70 24.12
C ALA A 446 -1.45 20.51 22.83
N PRO A 447 -1.16 19.88 21.67
CA PRO A 447 -1.11 20.65 20.42
C PRO A 447 -2.48 21.11 19.94
N GLN A 448 -2.46 22.18 19.15
CA GLN A 448 -3.62 22.82 18.53
C GLN A 448 -3.39 22.74 17.05
N PHE A 449 -4.36 22.18 16.34
CA PHE A 449 -4.21 21.89 14.93
C PHE A 449 -5.11 22.67 14.01
N SER A 450 -4.55 23.22 12.94
CA SER A 450 -5.32 23.78 11.86
C SER A 450 -5.72 22.58 10.98
N PHE A 451 -6.98 22.52 10.62
CA PHE A 451 -7.48 21.47 9.75
C PHE A 451 -7.07 21.78 8.31
N ILE A 452 -6.39 20.85 7.64
CA ILE A 452 -6.00 21.06 6.24
C ILE A 452 -6.99 20.41 5.28
N CYS A 453 -7.10 19.07 5.32
CA CYS A 453 -7.98 18.36 4.42
C CYS A 453 -8.20 16.94 4.87
N ARG A 454 -9.26 16.34 4.36
CA ARG A 454 -9.46 14.91 4.38
C ARG A 454 -8.77 14.51 3.05
N LYS A 455 -7.78 13.65 3.10
CA LYS A 455 -7.01 13.24 1.94
C LYS A 455 -7.86 12.78 0.74
N ASN A 456 -7.44 13.16 -0.46
CA ASN A 456 -8.02 12.75 -1.74
C ASN A 456 -9.44 13.29 -2.01
N VAL A 457 -10.06 14.03 -1.10
CA VAL A 457 -11.39 14.58 -1.34
C VAL A 457 -11.26 15.79 -2.28
N VAL A 458 -11.98 15.77 -3.39
CA VAL A 458 -11.87 16.83 -4.40
C VAL A 458 -13.16 17.66 -4.48
N LEU A 459 -14.35 17.06 -4.20
CA LEU A 459 -15.60 17.77 -4.32
C LEU A 459 -16.48 17.53 -3.13
N SER A 460 -17.09 18.61 -2.60
CA SER A 460 -17.99 18.51 -1.46
C SER A 460 -18.95 19.69 -1.46
N ILE A 461 -20.24 19.44 -1.26
CA ILE A 461 -21.25 20.49 -1.11
C ILE A 461 -21.74 20.53 0.35
N ASP A 462 -22.11 19.38 0.89
CA ASP A 462 -22.58 19.25 2.25
C ASP A 462 -21.71 18.11 2.90
N SER A 463 -22.25 17.00 3.44
CA SER A 463 -21.44 15.93 4.02
C SER A 463 -20.75 15.06 2.97
N ASP A 464 -21.22 15.10 1.71
CA ASP A 464 -20.62 14.36 0.61
C ASP A 464 -19.14 14.74 0.46
N LYS A 465 -18.28 13.72 0.28
CA LYS A 465 -16.84 13.83 0.15
C LYS A 465 -16.42 12.92 -1.01
N THR A 466 -16.52 13.47 -2.22
CA THR A 466 -16.19 12.75 -3.40
C THR A 466 -14.71 12.82 -3.62
N ASP A 467 -14.07 11.67 -3.76
CA ASP A 467 -12.64 11.61 -4.01
C ASP A 467 -12.32 11.54 -5.51
N GLU A 468 -11.05 11.77 -5.84
CA GLU A 468 -10.53 11.82 -7.20
C GLU A 468 -10.79 10.52 -7.99
N VAL A 469 -10.64 9.36 -7.34
CA VAL A 469 -10.88 8.06 -7.96
C VAL A 469 -12.36 7.88 -8.29
N GLU A 470 -13.28 8.21 -7.36
CA GLU A 470 -14.73 8.12 -7.59
C GLU A 470 -15.10 9.04 -8.79
N LEU A 471 -14.61 10.29 -8.80
CA LEU A 471 -14.94 11.21 -9.89
C LEU A 471 -14.43 10.69 -11.25
N GLN A 472 -13.15 10.30 -11.32
CA GLN A 472 -12.52 9.79 -12.56
C GLN A 472 -13.32 8.62 -13.13
N ASN A 473 -13.68 7.65 -12.28
CA ASN A 473 -14.45 6.51 -12.73
C ASN A 473 -15.87 6.91 -13.17
N ALA A 474 -16.48 7.90 -12.52
CA ALA A 474 -17.81 8.37 -12.90
C ALA A 474 -17.76 9.04 -14.27
N VAL A 475 -16.71 9.85 -14.54
CA VAL A 475 -16.56 10.49 -15.84
C VAL A 475 -16.30 9.39 -16.91
N LYS A 476 -15.42 8.45 -16.62
CA LYS A 476 -15.15 7.33 -17.53
C LYS A 476 -16.45 6.51 -17.89
N ASN A 477 -17.38 6.31 -16.94
CA ASN A 477 -18.65 5.66 -17.24
C ASN A 477 -19.50 6.52 -18.16
N ALA A 478 -19.54 7.84 -17.90
CA ALA A 478 -20.34 8.76 -18.69
C ALA A 478 -19.89 8.93 -20.13
N VAL A 479 -18.55 8.95 -20.38
CA VAL A 479 -18.04 9.13 -21.75
C VAL A 479 -18.33 7.94 -22.65
N THR A 480 -18.79 6.77 -22.12
CA THR A 480 -19.20 5.67 -22.98
C THR A 480 -20.38 6.11 -23.89
N HIS A 481 -21.23 7.06 -23.40
CA HIS A 481 -22.37 7.57 -24.18
C HIS A 481 -21.94 8.39 -25.40
N LEU A 482 -20.69 8.86 -25.45
CA LEU A 482 -20.18 9.62 -26.60
C LEU A 482 -19.65 8.73 -27.73
N VAL A 483 -19.26 7.48 -27.41
CA VAL A 483 -18.65 6.53 -28.35
C VAL A 483 -19.53 6.27 -29.60
N PRO A 484 -20.87 6.02 -29.49
CA PRO A 484 -21.67 5.85 -30.72
C PRO A 484 -21.70 7.09 -31.65
N PHE A 485 -21.40 8.27 -31.10
CA PHE A 485 -21.34 9.49 -31.88
C PHE A 485 -19.94 9.79 -32.39
N ASP A 486 -18.97 8.85 -32.29
CA ASP A 486 -17.58 9.06 -32.71
C ASP A 486 -17.00 10.34 -32.09
N ALA A 487 -17.34 10.55 -30.82
CA ALA A 487 -16.90 11.70 -30.07
C ALA A 487 -16.17 11.19 -28.85
N SER A 488 -15.28 12.03 -28.32
CA SER A 488 -14.51 11.66 -27.14
C SER A 488 -14.32 12.90 -26.28
N LEU A 489 -13.90 12.68 -25.04
CA LEU A 489 -13.64 13.77 -24.10
C LEU A 489 -12.13 14.02 -24.11
N SER A 490 -11.70 15.18 -24.62
CA SER A 490 -10.28 15.47 -24.71
C SER A 490 -9.73 15.69 -23.30
N GLU A 491 -10.38 16.58 -22.53
CA GLU A 491 -9.97 16.94 -21.18
C GLU A 491 -11.19 17.35 -20.35
N TYR A 492 -11.03 17.30 -19.03
CA TYR A 492 -12.06 17.79 -18.14
C TYR A 492 -11.45 18.25 -16.83
N THR A 493 -12.21 19.05 -16.11
CA THR A 493 -11.98 19.38 -14.73
C THR A 493 -13.37 19.58 -14.05
N SER A 494 -13.41 19.96 -12.77
CA SER A 494 -14.64 20.12 -12.00
C SER A 494 -14.50 21.20 -10.90
N TYR A 495 -15.66 21.67 -10.33
CA TYR A 495 -15.69 22.56 -9.17
C TYR A 495 -17.01 22.41 -8.42
N ALA A 496 -17.00 22.74 -7.12
CA ALA A 496 -18.17 22.70 -6.28
C ALA A 496 -18.80 24.08 -6.38
N ASP A 497 -19.96 24.16 -7.01
CA ASP A 497 -20.67 25.40 -7.26
C ASP A 497 -21.63 25.70 -6.14
N THR A 498 -21.33 26.73 -5.37
CA THR A 498 -22.20 27.13 -4.27
C THR A 498 -23.00 28.42 -4.63
N SER A 499 -23.03 28.85 -5.90
CA SER A 499 -23.80 30.05 -6.29
C SER A 499 -25.31 29.79 -6.28
N SER A 500 -25.76 28.57 -6.14
CA SER A 500 -27.17 28.24 -5.98
C SER A 500 -27.27 27.46 -4.65
N ILE A 501 -28.49 27.38 -4.09
CA ILE A 501 -28.80 26.62 -2.89
C ILE A 501 -29.98 25.61 -3.27
N PRO A 502 -29.77 24.24 -3.29
CA PRO A 502 -28.53 23.70 -2.80
C PRO A 502 -27.40 23.82 -3.83
N GLY A 503 -26.17 23.79 -3.35
CA GLY A 503 -25.00 23.78 -4.23
C GLY A 503 -24.99 22.52 -5.10
N HIS A 504 -24.16 22.50 -6.16
CA HIS A 504 -24.07 21.35 -7.08
C HIS A 504 -22.67 21.21 -7.70
N TYR A 505 -22.34 19.99 -8.15
CA TYR A 505 -21.05 19.74 -8.80
C TYR A 505 -21.15 20.22 -10.24
N VAL A 506 -20.07 20.74 -10.75
CA VAL A 506 -19.97 21.18 -12.12
C VAL A 506 -18.77 20.48 -12.73
N LEU A 507 -18.94 19.90 -13.91
CA LEU A 507 -17.87 19.32 -14.68
C LEU A 507 -17.66 20.22 -15.89
N PHE A 508 -16.41 20.58 -16.23
CA PHE A 508 -16.11 21.30 -17.48
C PHE A 508 -15.65 20.22 -18.45
N TRP A 509 -16.29 20.09 -19.62
CA TRP A 509 -15.89 19.09 -20.61
C TRP A 509 -15.48 19.75 -21.90
N GLU A 510 -14.37 19.32 -22.49
CA GLU A 510 -13.97 19.79 -23.79
C GLU A 510 -14.04 18.60 -24.69
N LEU A 511 -14.95 18.62 -25.65
CA LEU A 511 -15.15 17.47 -26.54
C LEU A 511 -14.31 17.50 -27.81
N CYS A 512 -14.00 16.30 -28.34
CA CYS A 512 -13.34 16.09 -29.62
C CYS A 512 -14.36 15.35 -30.50
N LEU A 513 -14.94 16.04 -31.49
CA LEU A 513 -15.93 15.45 -32.39
C LEU A 513 -15.30 14.92 -33.68
N ASN A 514 -15.42 13.60 -33.96
CA ASN A 514 -14.89 12.96 -35.17
C ASN A 514 -15.99 12.41 -36.12
N GLY A 515 -17.26 12.54 -35.75
CA GLY A 515 -18.39 12.01 -36.53
C GLY A 515 -19.23 13.06 -37.22
N ASN A 516 -20.26 12.59 -37.93
CA ASN A 516 -21.19 13.41 -38.70
C ASN A 516 -22.57 13.55 -38.06
N THR A 517 -22.88 12.84 -36.96
CA THR A 517 -24.19 12.99 -36.30
C THR A 517 -24.06 13.90 -35.07
N PRO A 518 -24.69 15.09 -35.07
CA PRO A 518 -24.59 15.96 -33.89
C PRO A 518 -25.10 15.28 -32.61
N ILE A 519 -24.47 15.58 -31.48
CA ILE A 519 -24.88 14.94 -30.22
C ILE A 519 -26.08 15.72 -29.64
N PRO A 520 -27.27 15.12 -29.42
CA PRO A 520 -28.40 15.90 -28.89
C PRO A 520 -28.33 16.20 -27.38
N PRO A 521 -29.09 17.19 -26.84
CA PRO A 521 -28.98 17.47 -25.40
C PRO A 521 -29.32 16.31 -24.51
N SER A 522 -30.25 15.43 -24.94
CA SER A 522 -30.62 14.28 -24.14
C SER A 522 -29.41 13.37 -23.83
N VAL A 523 -28.44 13.27 -24.73
CA VAL A 523 -27.26 12.45 -24.48
C VAL A 523 -26.38 13.07 -23.39
N PHE A 524 -26.18 14.38 -23.42
CA PHE A 524 -25.39 15.07 -22.40
C PHE A 524 -26.08 15.03 -21.03
N GLU A 525 -27.40 15.10 -21.05
CA GLU A 525 -28.19 14.96 -19.83
C GLU A 525 -28.04 13.52 -19.28
N ASP A 526 -27.96 12.50 -20.16
CA ASP A 526 -27.73 11.14 -19.71
C ASP A 526 -26.28 10.98 -19.18
N CYS A 527 -25.30 11.72 -19.73
CA CYS A 527 -23.93 11.75 -19.22
C CYS A 527 -23.95 12.28 -17.78
N CYS A 528 -24.72 13.37 -17.53
CA CYS A 528 -24.87 13.99 -16.20
C CYS A 528 -25.39 12.97 -15.22
N LEU A 529 -26.47 12.24 -15.58
CA LEU A 529 -27.07 11.25 -14.71
C LEU A 529 -26.14 10.04 -14.50
N THR A 530 -25.44 9.59 -15.55
CA THR A 530 -24.51 8.46 -15.40
C THR A 530 -23.39 8.82 -14.43
N ILE A 531 -22.91 10.08 -14.46
CA ILE A 531 -21.89 10.51 -13.49
C ILE A 531 -22.47 10.37 -12.06
N GLU A 532 -23.69 10.94 -11.85
CA GLU A 532 -24.37 10.89 -10.56
C GLU A 532 -24.60 9.47 -10.06
N GLU A 533 -24.96 8.55 -10.94
CA GLU A 533 -25.22 7.16 -10.56
C GLU A 533 -23.96 6.47 -10.05
N SER A 534 -22.78 6.85 -10.59
CA SER A 534 -21.48 6.30 -10.24
C SER A 534 -20.81 6.98 -9.07
N LEU A 535 -21.37 8.08 -8.55
CA LEU A 535 -20.80 8.75 -7.39
C LEU A 535 -21.25 7.99 -6.12
N ASN A 536 -20.60 8.29 -4.99
CA ASN A 536 -20.79 7.51 -3.77
C ASN A 536 -22.17 7.70 -3.13
N SER A 537 -22.51 6.80 -2.20
CA SER A 537 -23.83 6.77 -1.59
C SER A 537 -24.19 8.02 -0.80
N VAL A 538 -23.20 8.78 -0.29
CA VAL A 538 -23.48 9.99 0.47
C VAL A 538 -23.93 11.10 -0.50
N TYR A 539 -23.29 11.18 -1.69
CA TYR A 539 -23.68 12.10 -2.73
C TYR A 539 -25.11 11.77 -3.19
N ARG A 540 -25.37 10.49 -3.51
CA ARG A 540 -26.70 10.08 -3.99
C ARG A 540 -27.77 10.28 -2.89
N GLN A 541 -27.42 10.08 -1.62
CA GLN A 541 -28.30 10.36 -0.49
C GLN A 541 -28.62 11.85 -0.41
N GLY A 542 -27.61 12.70 -0.63
CA GLY A 542 -27.78 14.14 -0.65
C GLY A 542 -28.78 14.60 -1.68
N ARG A 543 -28.74 13.98 -2.86
CA ARG A 543 -29.68 14.28 -3.93
C ARG A 543 -31.10 13.77 -3.63
N VAL A 544 -31.23 12.52 -3.18
CA VAL A 544 -32.52 11.85 -3.03
C VAL A 544 -33.27 12.14 -1.73
N SER A 545 -32.57 12.00 -0.59
CA SER A 545 -33.20 12.07 0.73
C SER A 545 -33.31 13.48 1.29
N ASP A 546 -32.15 14.13 1.54
CA ASP A 546 -31.98 15.44 2.20
C ASP A 546 -32.18 16.67 1.26
N LYS A 547 -32.09 16.49 -0.09
CA LYS A 547 -32.06 17.58 -1.11
C LYS A 547 -30.94 18.59 -0.81
N SER A 548 -29.84 18.09 -0.25
CA SER A 548 -28.70 18.91 0.12
C SER A 548 -27.71 19.20 -1.00
N ILE A 549 -27.85 18.51 -2.12
CA ILE A 549 -27.02 18.69 -3.31
C ILE A 549 -28.04 18.81 -4.44
N GLY A 550 -27.79 19.71 -5.38
CA GLY A 550 -28.63 19.91 -6.56
C GLY A 550 -28.17 19.06 -7.73
N PRO A 551 -28.95 19.03 -8.83
CA PRO A 551 -28.52 18.26 -10.02
C PRO A 551 -27.13 18.62 -10.56
N LEU A 552 -26.31 17.59 -10.82
CA LEU A 552 -24.97 17.78 -11.38
C LEU A 552 -25.03 18.44 -12.76
N GLU A 553 -24.08 19.32 -13.05
CA GLU A 553 -24.07 20.05 -14.30
C GLU A 553 -22.80 19.79 -15.11
N ILE A 554 -22.93 19.57 -16.43
CA ILE A 554 -21.79 19.48 -17.31
C ILE A 554 -21.81 20.77 -18.15
N LYS A 555 -20.71 21.51 -18.16
CA LYS A 555 -20.54 22.71 -18.95
C LYS A 555 -19.53 22.40 -20.02
N MET A 556 -19.96 22.46 -21.28
CA MET A 556 -19.08 22.23 -22.41
C MET A 556 -18.30 23.51 -22.63
N VAL A 557 -16.97 23.39 -22.80
CA VAL A 557 -16.10 24.54 -23.03
C VAL A 557 -15.63 24.57 -24.50
N GLU A 558 -15.25 25.76 -24.99
CA GLU A 558 -14.76 25.96 -26.36
C GLU A 558 -13.52 25.12 -26.59
N SER A 559 -13.23 24.75 -27.86
CA SER A 559 -12.01 24.01 -28.20
C SER A 559 -10.80 24.91 -27.89
N GLY A 560 -9.75 24.33 -27.33
CA GLY A 560 -8.56 25.07 -26.91
C GLY A 560 -8.62 25.60 -25.49
N THR A 561 -9.75 25.41 -24.76
CA THR A 561 -9.88 25.92 -23.40
C THR A 561 -8.85 25.29 -22.43
N PHE A 562 -8.71 23.96 -22.45
CA PHE A 562 -7.76 23.29 -21.57
C PHE A 562 -6.30 23.53 -22.01
N ASP A 563 -6.06 23.81 -23.31
CA ASP A 563 -4.72 24.17 -23.76
C ASP A 563 -4.39 25.60 -23.24
N LYS A 564 -5.39 26.50 -23.11
CA LYS A 564 -5.21 27.84 -22.56
C LYS A 564 -4.84 27.74 -21.07
N LEU A 565 -5.44 26.79 -20.32
CA LEU A 565 -5.06 26.57 -18.92
C LEU A 565 -3.63 26.06 -18.84
N MET A 566 -3.23 25.20 -19.78
CA MET A 566 -1.86 24.70 -19.84
C MET A 566 -0.89 25.86 -20.11
N ASP A 567 -1.27 26.85 -20.93
CA ASP A 567 -0.43 28.02 -21.17
C ASP A 567 -0.19 28.80 -19.85
N TYR A 568 -1.18 28.88 -18.94
CA TYR A 568 -1.00 29.52 -17.64
C TYR A 568 0.06 28.74 -16.84
N ALA A 569 -0.08 27.40 -16.79
CA ALA A 569 0.88 26.54 -16.08
C ALA A 569 2.27 26.62 -16.68
N ILE A 570 2.39 26.66 -18.01
CA ILE A 570 3.70 26.73 -18.66
C ILE A 570 4.36 28.07 -18.29
N SER A 571 3.60 29.20 -18.29
CA SER A 571 4.13 30.51 -17.91
C SER A 571 4.64 30.53 -16.46
N LEU A 572 4.07 29.68 -15.59
CA LEU A 572 4.46 29.57 -14.18
C LEU A 572 5.42 28.41 -13.89
N GLY A 573 6.15 27.93 -14.91
CA GLY A 573 7.17 26.91 -14.77
C GLY A 573 6.86 25.45 -15.06
N ALA A 574 5.63 25.11 -15.49
CA ALA A 574 5.28 23.70 -15.75
C ALA A 574 5.81 23.25 -17.11
N SER A 575 6.25 21.99 -17.21
CA SER A 575 6.73 21.43 -18.47
C SER A 575 5.57 20.83 -19.27
N ILE A 576 5.73 20.76 -20.59
CA ILE A 576 4.71 20.22 -21.48
C ILE A 576 4.60 18.69 -21.26
N ASN A 577 5.74 18.01 -21.09
CA ASN A 577 5.78 16.56 -20.88
C ASN A 577 5.33 16.08 -19.48
N GLN A 578 5.08 16.99 -18.52
CA GLN A 578 4.63 16.60 -17.17
C GLN A 578 3.26 17.18 -16.78
N TYR A 579 2.78 18.23 -17.45
CA TYR A 579 1.50 18.85 -17.10
C TYR A 579 0.33 17.90 -17.31
N LYS A 580 -0.59 17.91 -16.36
CA LYS A 580 -1.82 17.12 -16.36
C LYS A 580 -2.95 18.09 -15.97
N THR A 581 -4.09 18.07 -16.70
CA THR A 581 -5.21 18.93 -16.34
C THR A 581 -5.74 18.46 -14.97
N PRO A 582 -5.75 19.32 -13.92
CA PRO A 582 -6.23 18.82 -12.61
C PRO A 582 -7.70 18.38 -12.68
N ARG A 583 -8.05 17.33 -11.94
CA ARG A 583 -9.42 16.81 -11.91
C ARG A 583 -10.40 17.77 -11.27
N CYS A 584 -9.92 18.62 -10.39
CA CYS A 584 -10.76 19.56 -9.70
C CYS A 584 -10.03 20.87 -9.51
N VAL A 585 -10.80 21.97 -9.46
CA VAL A 585 -10.30 23.33 -9.24
C VAL A 585 -11.16 24.02 -8.16
N LYS A 586 -10.50 24.65 -7.16
CA LYS A 586 -11.07 25.43 -6.06
C LYS A 586 -10.75 26.93 -6.20
N PHE A 587 -9.63 27.27 -6.87
CA PHE A 587 -9.17 28.65 -7.02
C PHE A 587 -10.09 29.47 -7.93
N ALA A 588 -10.79 30.47 -7.33
CA ALA A 588 -11.79 31.32 -8.03
C ALA A 588 -11.34 31.88 -9.41
N PRO A 589 -10.13 32.46 -9.58
CA PRO A 589 -9.77 33.00 -10.91
C PRO A 589 -9.73 31.95 -12.03
N ILE A 590 -9.37 30.69 -11.73
CA ILE A 590 -9.33 29.63 -12.75
C ILE A 590 -10.76 29.17 -13.07
N ILE A 591 -11.61 29.05 -12.04
CA ILE A 591 -13.02 28.71 -12.25
C ILE A 591 -13.69 29.79 -13.15
N GLU A 592 -13.39 31.09 -12.91
CA GLU A 592 -13.89 32.21 -13.70
C GLU A 592 -13.41 32.12 -15.15
N LEU A 593 -12.15 31.73 -15.34
CA LEU A 593 -11.58 31.57 -16.68
C LEU A 593 -12.33 30.49 -17.46
N LEU A 594 -12.53 29.34 -16.81
CA LEU A 594 -13.26 28.26 -17.42
C LEU A 594 -14.71 28.63 -17.68
N ASN A 595 -15.35 29.28 -16.71
CA ASN A 595 -16.74 29.71 -16.86
C ASN A 595 -16.93 30.71 -18.03
N SER A 596 -15.93 31.52 -18.33
CA SER A 596 -16.00 32.49 -19.45
C SER A 596 -15.95 31.81 -20.83
N ARG A 597 -15.43 30.55 -20.90
CA ARG A 597 -15.29 29.79 -22.14
C ARG A 597 -16.42 28.75 -22.35
N VAL A 598 -17.50 28.81 -21.55
CA VAL A 598 -18.60 27.84 -21.67
C VAL A 598 -19.50 28.15 -22.88
N VAL A 599 -19.73 27.12 -23.71
CA VAL A 599 -20.53 27.17 -24.93
C VAL A 599 -22.00 26.82 -24.58
N ASP A 600 -22.18 25.77 -23.78
CA ASP A 600 -23.49 25.27 -23.36
C ASP A 600 -23.36 24.49 -22.05
N SER A 601 -24.48 24.26 -21.37
CA SER A 601 -24.49 23.46 -20.17
C SER A 601 -25.75 22.60 -20.11
N TYR A 602 -25.62 21.46 -19.41
CA TYR A 602 -26.63 20.45 -19.27
C TYR A 602 -26.69 19.99 -17.82
N PHE A 603 -27.85 19.50 -17.39
CA PHE A 603 -28.06 19.06 -16.01
C PHE A 603 -28.58 17.66 -15.98
N SER A 604 -28.38 16.96 -14.84
CA SER A 604 -28.96 15.63 -14.67
C SER A 604 -30.50 15.82 -14.58
N PRO A 605 -31.31 15.13 -15.43
CA PRO A 605 -32.76 15.40 -15.44
C PRO A 605 -33.57 14.80 -14.30
N LYS A 606 -32.96 13.93 -13.50
CA LYS A 606 -33.61 13.30 -12.37
C LYS A 606 -32.54 12.90 -11.32
N CYS A 607 -33.00 12.47 -10.14
CA CYS A 607 -32.07 12.05 -9.10
C CYS A 607 -31.41 10.74 -9.48
N PRO A 608 -30.17 10.45 -9.00
CA PRO A 608 -29.66 9.09 -9.14
C PRO A 608 -30.40 8.13 -8.19
N LYS A 609 -30.12 6.85 -8.24
CA LYS A 609 -30.71 5.86 -7.34
C LYS A 609 -30.02 5.95 -5.97
N TRP A 610 -30.77 5.71 -4.89
CA TRP A 610 -30.21 5.63 -3.55
C TRP A 610 -31.20 4.93 -2.64
N SER A 611 -30.72 4.02 -1.79
CA SER A 611 -31.52 3.39 -0.76
C SER A 611 -30.63 3.27 0.51
N PRO A 612 -31.21 3.32 1.74
CA PRO A 612 -30.35 3.22 2.94
C PRO A 612 -29.53 1.94 3.04
N GLY A 613 -28.35 2.04 3.63
CA GLY A 613 -27.47 0.90 3.88
C GLY A 613 -26.63 0.51 2.70
N HIS A 614 -25.73 -0.46 2.92
CA HIS A 614 -24.86 -0.99 1.89
C HIS A 614 -25.69 -1.83 0.93
N LYS A 615 -25.45 -1.67 -0.39
CA LYS A 615 -26.15 -2.42 -1.44
C LYS A 615 -26.04 -3.92 -1.23
N GLN A 616 -24.85 -4.41 -0.80
CA GLN A 616 -24.59 -5.82 -0.49
C GLN A 616 -25.66 -6.41 0.44
N TRP A 617 -26.12 -5.64 1.43
CA TRP A 617 -27.11 -6.10 2.41
C TRP A 617 -28.46 -6.36 1.74
N SER B 21 9.50 -43.88 -26.30
CA SER B 21 9.90 -44.25 -27.67
C SER B 21 10.82 -43.18 -28.27
N ASP B 22 11.88 -43.59 -28.98
CA ASP B 22 12.81 -42.66 -29.61
C ASP B 22 12.09 -41.78 -30.64
N GLU B 23 11.16 -42.37 -31.39
CA GLU B 23 10.40 -41.65 -32.42
C GLU B 23 9.45 -40.64 -31.78
N SER B 24 8.77 -41.02 -30.68
CA SER B 24 7.86 -40.12 -30.00
C SER B 24 8.63 -38.97 -29.31
N LEU B 25 9.84 -39.27 -28.80
CA LEU B 25 10.69 -38.25 -28.19
C LEU B 25 11.17 -37.24 -29.26
N ALA B 26 11.56 -37.73 -30.46
CA ALA B 26 11.98 -36.86 -31.56
C ALA B 26 10.81 -35.95 -32.02
N GLU B 27 9.58 -36.51 -32.06
CA GLU B 27 8.38 -35.77 -32.45
C GLU B 27 8.06 -34.73 -31.41
N LYS B 28 8.18 -35.07 -30.12
CA LYS B 28 7.93 -34.13 -29.03
C LYS B 28 8.94 -32.95 -29.13
N ASN B 29 10.25 -33.21 -29.26
CA ASN B 29 11.22 -32.11 -29.40
C ASN B 29 10.90 -31.21 -30.61
N LYS B 30 10.54 -31.81 -31.77
CA LYS B 30 10.17 -31.09 -32.99
C LYS B 30 8.96 -30.17 -32.73
N ASN B 31 7.93 -30.65 -32.03
CA ASN B 31 6.75 -29.83 -31.75
C ASN B 31 7.08 -28.70 -30.77
N LYS B 32 8.01 -28.92 -29.82
CA LYS B 32 8.40 -27.85 -28.89
C LYS B 32 9.17 -26.77 -29.65
N LEU B 33 10.05 -27.18 -30.58
CA LEU B 33 10.80 -26.21 -31.38
C LEU B 33 9.89 -25.47 -32.36
N GLN B 34 8.86 -26.14 -32.88
CA GLN B 34 7.91 -25.49 -33.78
C GLN B 34 7.11 -24.45 -32.98
N PHE B 35 6.73 -24.77 -31.74
CA PHE B 35 6.08 -23.81 -30.84
C PHE B 35 6.92 -22.50 -30.70
N ILE B 36 8.24 -22.65 -30.51
CA ILE B 36 9.16 -21.51 -30.40
C ILE B 36 9.11 -20.66 -31.66
N GLU B 37 9.14 -21.28 -32.83
CA GLU B 37 9.03 -20.53 -34.10
C GLU B 37 7.71 -19.77 -34.17
N ASP B 38 6.61 -20.44 -33.84
CA ASP B 38 5.27 -19.85 -33.90
C ASP B 38 5.10 -18.64 -32.98
N VAL B 39 5.45 -18.79 -31.70
CA VAL B 39 5.25 -17.71 -30.74
C VAL B 39 6.28 -16.57 -30.93
N THR B 40 7.49 -16.82 -31.46
CA THR B 40 8.44 -15.74 -31.73
C THR B 40 8.09 -15.00 -33.02
N THR B 41 7.49 -15.70 -34.02
CA THR B 41 7.02 -15.06 -35.25
C THR B 41 5.80 -14.21 -34.92
N ASN B 42 4.87 -14.77 -34.15
CA ASN B 42 3.63 -14.07 -33.81
C ASN B 42 3.67 -13.44 -32.43
N ALA B 43 4.86 -12.98 -32.00
CA ALA B 43 5.08 -12.43 -30.65
C ALA B 43 4.10 -11.32 -30.23
N ASP B 44 3.89 -10.30 -31.07
CA ASP B 44 2.99 -9.20 -30.70
C ASP B 44 1.55 -9.66 -30.52
N ASP B 45 1.08 -10.55 -31.39
CA ASP B 45 -0.27 -11.11 -31.28
C ASP B 45 -0.42 -11.96 -30.02
N VAL B 46 0.60 -12.74 -29.68
CA VAL B 46 0.58 -13.57 -28.46
C VAL B 46 0.53 -12.63 -27.23
N GLN B 47 1.27 -11.50 -27.29
CA GLN B 47 1.28 -10.50 -26.23
C GLN B 47 -0.10 -9.87 -26.05
N ARG B 48 -0.79 -9.54 -27.17
CA ARG B 48 -2.14 -8.99 -27.13
C ARG B 48 -3.10 -10.04 -26.53
N ARG B 49 -3.01 -11.26 -26.99
CA ARG B 49 -3.83 -12.38 -26.49
C ARG B 49 -3.67 -12.62 -24.98
N VAL B 50 -2.42 -12.62 -24.48
CA VAL B 50 -2.11 -12.84 -23.06
C VAL B 50 -2.73 -11.73 -22.22
N LEU B 51 -2.54 -10.45 -22.64
CA LEU B 51 -3.09 -9.34 -21.90
C LEU B 51 -4.61 -9.40 -21.93
N GLU B 52 -5.21 -9.76 -23.06
CA GLU B 52 -6.66 -9.88 -23.16
C GLU B 52 -7.21 -10.94 -22.22
N GLU B 53 -6.52 -12.09 -22.10
CA GLU B 53 -6.96 -13.16 -21.21
C GLU B 53 -6.82 -12.73 -19.75
N ILE B 54 -5.71 -12.05 -19.40
CA ILE B 54 -5.52 -11.56 -18.03
C ILE B 54 -6.60 -10.52 -17.68
N LEU B 55 -6.79 -9.52 -18.55
CA LEU B 55 -7.76 -8.45 -18.27
C LEU B 55 -9.23 -8.89 -18.33
N SER B 56 -9.63 -9.89 -19.15
CA SER B 56 -11.03 -10.33 -19.13
C SER B 56 -11.29 -11.23 -17.92
N ARG B 57 -10.38 -12.17 -17.63
CA ARG B 57 -10.56 -13.06 -16.46
C ARG B 57 -10.57 -12.32 -15.14
N ASN B 58 -9.75 -11.26 -15.01
CA ASN B 58 -9.65 -10.47 -13.79
C ASN B 58 -10.39 -9.12 -13.91
N ALA B 59 -11.32 -8.97 -14.87
CA ALA B 59 -12.06 -7.73 -15.07
C ALA B 59 -12.70 -7.17 -13.80
N ASP B 60 -13.24 -8.06 -12.95
CA ASP B 60 -13.96 -7.69 -11.73
C ASP B 60 -13.14 -7.63 -10.46
N VAL B 61 -11.79 -7.70 -10.57
CA VAL B 61 -10.97 -7.62 -9.37
C VAL B 61 -10.90 -6.19 -8.89
N GLU B 62 -10.84 -6.02 -7.57
CA GLU B 62 -10.78 -4.74 -6.90
C GLU B 62 -9.75 -3.79 -7.50
N TYR B 63 -8.52 -4.27 -7.68
CA TYR B 63 -7.43 -3.44 -8.18
C TYR B 63 -7.71 -2.83 -9.55
N LEU B 64 -8.30 -3.60 -10.47
CA LEU B 64 -8.61 -3.08 -11.80
C LEU B 64 -9.87 -2.23 -11.75
N LYS B 65 -10.90 -2.68 -11.01
CA LYS B 65 -12.15 -1.93 -10.88
C LYS B 65 -11.90 -0.54 -10.27
N ARG B 66 -11.09 -0.44 -9.19
CA ARG B 66 -10.84 0.86 -8.56
C ARG B 66 -10.01 1.80 -9.46
N HIS B 67 -9.23 1.26 -10.42
CA HIS B 67 -8.50 2.10 -11.36
C HIS B 67 -9.36 2.50 -12.60
N GLY B 68 -10.62 2.06 -12.68
CA GLY B 68 -11.53 2.41 -13.76
C GLY B 68 -11.39 1.69 -15.08
N LEU B 69 -10.83 0.47 -15.10
CA LEU B 69 -10.67 -0.28 -16.36
C LEU B 69 -12.00 -0.78 -16.96
N GLU B 70 -13.04 -0.93 -16.12
CA GLU B 70 -14.40 -1.32 -16.53
C GLU B 70 -14.49 -2.51 -17.49
N GLY B 71 -13.72 -3.55 -17.22
CA GLY B 71 -13.72 -4.75 -18.04
C GLY B 71 -13.11 -4.59 -19.42
N ARG B 72 -12.41 -3.47 -19.67
CA ARG B 72 -11.74 -3.27 -20.96
C ARG B 72 -10.46 -4.10 -20.97
N THR B 73 -10.19 -4.73 -22.12
CA THR B 73 -9.08 -5.64 -22.32
C THR B 73 -8.04 -5.15 -23.35
N ASP B 74 -8.27 -3.99 -24.02
CA ASP B 74 -7.33 -3.53 -25.04
C ASP B 74 -6.06 -2.93 -24.44
N ARG B 75 -4.95 -3.17 -25.13
CA ARG B 75 -3.62 -2.68 -24.72
C ARG B 75 -3.58 -1.15 -24.56
N GLU B 76 -4.22 -0.42 -25.48
CA GLU B 76 -4.19 1.03 -25.50
C GLU B 76 -4.76 1.64 -24.19
N THR B 77 -5.93 1.15 -23.75
CA THR B 77 -6.56 1.61 -22.52
C THR B 77 -5.70 1.19 -21.33
N PHE B 78 -5.28 -0.07 -21.28
CA PHE B 78 -4.47 -0.60 -20.18
C PHE B 78 -3.22 0.23 -19.90
N LYS B 79 -2.52 0.70 -20.95
CA LYS B 79 -1.28 1.48 -20.80
C LYS B 79 -1.54 2.91 -20.36
N HIS B 80 -2.64 3.51 -20.82
CA HIS B 80 -3.03 4.88 -20.50
C HIS B 80 -3.51 5.02 -19.05
N ILE B 81 -4.31 4.07 -18.51
CA ILE B 81 -4.90 4.24 -17.17
C ILE B 81 -4.16 3.50 -16.05
N MET B 82 -3.57 2.30 -16.30
CA MET B 82 -2.95 1.56 -15.20
C MET B 82 -1.58 2.09 -14.85
N PRO B 83 -1.28 2.31 -13.56
CA PRO B 83 0.06 2.79 -13.19
C PRO B 83 1.12 1.70 -13.26
N VAL B 84 2.40 2.11 -13.43
CA VAL B 84 3.57 1.26 -13.39
C VAL B 84 4.00 1.28 -11.92
N VAL B 85 4.17 0.11 -11.33
CA VAL B 85 4.35 -0.07 -9.90
C VAL B 85 5.61 -0.82 -9.47
N THR B 86 6.02 -0.58 -8.22
CA THR B 86 7.08 -1.29 -7.49
C THR B 86 6.32 -2.12 -6.43
N TYR B 87 7.01 -3.08 -5.79
CA TYR B 87 6.41 -3.93 -4.77
C TYR B 87 5.71 -3.13 -3.66
N GLU B 88 6.36 -2.03 -3.23
CA GLU B 88 5.88 -1.15 -2.17
C GLU B 88 4.53 -0.49 -2.51
N ASP B 89 4.26 -0.21 -3.79
CA ASP B 89 2.99 0.37 -4.20
C ASP B 89 1.81 -0.58 -4.04
N ILE B 90 2.05 -1.88 -4.23
CA ILE B 90 0.99 -2.92 -4.15
C ILE B 90 1.10 -3.79 -2.88
N GLN B 91 2.03 -3.45 -1.98
CA GLN B 91 2.20 -4.13 -0.70
C GLN B 91 0.92 -4.08 0.15
N PRO B 92 0.08 -3.00 0.16
CA PRO B 92 -1.17 -3.06 0.94
C PRO B 92 -2.07 -4.22 0.51
N GLU B 93 -2.24 -4.43 -0.82
CA GLU B 93 -3.07 -5.51 -1.35
C GLU B 93 -2.44 -6.86 -0.99
N ILE B 94 -1.12 -7.02 -1.24
CA ILE B 94 -0.41 -8.27 -0.94
C ILE B 94 -0.57 -8.65 0.56
N ASN B 95 -0.29 -7.71 1.47
CA ASN B 95 -0.44 -7.95 2.91
C ASN B 95 -1.87 -8.27 3.30
N ARG B 96 -2.87 -7.65 2.67
CA ARG B 96 -4.27 -7.98 2.94
C ARG B 96 -4.56 -9.46 2.60
N ILE B 97 -4.06 -9.93 1.45
CA ILE B 97 -4.25 -11.32 1.02
C ILE B 97 -3.46 -12.23 1.99
N ALA B 98 -2.23 -11.86 2.34
CA ALA B 98 -1.41 -12.60 3.29
C ALA B 98 -2.10 -12.71 4.67
N ASN B 99 -2.90 -11.71 5.05
CA ASN B 99 -3.62 -11.70 6.32
C ASN B 99 -5.01 -12.37 6.26
N GLY B 100 -5.38 -12.98 5.14
CA GLY B 100 -6.65 -13.72 5.04
C GLY B 100 -7.74 -13.18 4.14
N ASP B 101 -7.53 -12.04 3.46
CA ASP B 101 -8.54 -11.52 2.54
C ASP B 101 -8.64 -12.45 1.32
N LYS B 102 -9.77 -13.20 1.21
CA LYS B 102 -10.06 -14.15 0.12
C LYS B 102 -10.92 -13.56 -0.98
N SER B 103 -11.22 -12.25 -0.94
CA SER B 103 -11.98 -11.61 -2.02
C SER B 103 -11.07 -11.43 -3.25
N GLN B 104 -11.66 -11.02 -4.36
CA GLN B 104 -10.94 -10.84 -5.61
C GLN B 104 -10.22 -9.47 -5.55
N VAL B 105 -9.06 -9.44 -4.88
CA VAL B 105 -8.26 -8.24 -4.63
C VAL B 105 -7.38 -7.95 -5.84
N LEU B 106 -6.50 -8.90 -6.21
CA LEU B 106 -5.66 -8.75 -7.38
C LEU B 106 -5.99 -9.78 -8.48
N CYS B 107 -6.64 -10.93 -8.12
CA CYS B 107 -6.90 -12.01 -9.06
CA CYS B 107 -6.93 -12.07 -9.02
C CYS B 107 -8.30 -12.60 -8.85
N SER B 108 -8.90 -13.08 -9.92
CA SER B 108 -10.20 -13.73 -9.86
C SER B 108 -10.03 -15.15 -9.31
N ASN B 109 -8.95 -15.84 -9.68
CA ASN B 109 -8.65 -17.17 -9.16
C ASN B 109 -8.07 -17.01 -7.77
N PRO B 110 -8.31 -17.95 -6.83
CA PRO B 110 -7.74 -17.77 -5.49
C PRO B 110 -6.21 -17.84 -5.48
N ILE B 111 -5.57 -17.02 -4.64
CA ILE B 111 -4.12 -17.01 -4.51
C ILE B 111 -3.79 -18.31 -3.76
N SER B 112 -3.04 -19.21 -4.40
CA SER B 112 -2.71 -20.52 -3.83
C SER B 112 -1.60 -20.47 -2.80
N GLU B 113 -0.66 -19.53 -2.98
CA GLU B 113 0.46 -19.35 -2.09
C GLU B 113 1.22 -18.08 -2.46
N PHE B 114 2.20 -17.71 -1.64
CA PHE B 114 3.09 -16.62 -1.94
C PHE B 114 4.44 -17.22 -2.23
N LEU B 115 5.04 -16.81 -3.34
CA LEU B 115 6.37 -17.24 -3.70
C LEU B 115 7.30 -16.14 -3.23
N THR B 116 8.15 -16.48 -2.27
CA THR B 116 9.00 -15.55 -1.57
C THR B 116 10.29 -15.32 -2.35
N SER B 117 10.40 -14.13 -2.96
CA SER B 117 11.54 -13.76 -3.78
C SER B 117 12.82 -13.67 -2.99
N SER B 118 13.97 -13.90 -3.65
CA SER B 118 15.26 -13.61 -3.04
C SER B 118 15.45 -12.06 -2.94
N GLY B 119 14.71 -11.27 -3.74
CA GLY B 119 14.68 -9.81 -3.66
C GLY B 119 13.87 -9.40 -2.45
N THR B 120 14.34 -8.40 -1.70
CA THR B 120 13.70 -8.02 -0.45
C THR B 120 13.13 -6.60 -0.46
N SER B 121 12.20 -6.34 0.47
CA SER B 121 11.58 -5.04 0.72
C SER B 121 11.57 -4.92 2.24
N GLY B 122 12.13 -3.83 2.77
CA GLY B 122 12.26 -3.67 4.21
C GLY B 122 13.09 -4.77 4.85
N GLY B 123 14.03 -5.34 4.10
CA GLY B 123 14.88 -6.44 4.58
C GLY B 123 14.21 -7.82 4.62
N GLU B 124 12.94 -7.93 4.19
CA GLU B 124 12.15 -9.17 4.19
C GLU B 124 11.87 -9.62 2.75
N ARG B 125 11.79 -10.96 2.51
CA ARG B 125 11.52 -11.49 1.16
C ARG B 125 10.22 -10.90 0.58
N LYS B 126 10.24 -10.47 -0.67
CA LYS B 126 9.02 -9.96 -1.31
C LYS B 126 8.06 -11.16 -1.48
N LEU B 127 6.79 -10.96 -1.14
CA LEU B 127 5.76 -12.00 -1.26
C LEU B 127 5.06 -11.83 -2.62
N MET B 128 5.35 -12.74 -3.54
CA MET B 128 4.80 -12.69 -4.89
C MET B 128 3.59 -13.60 -4.98
N PRO B 129 2.39 -13.05 -5.25
CA PRO B 129 1.23 -13.94 -5.36
C PRO B 129 1.34 -14.88 -6.57
N THR B 130 0.80 -16.08 -6.43
CA THR B 130 0.70 -17.06 -7.51
C THR B 130 -0.66 -17.75 -7.42
N ILE B 131 -1.05 -18.38 -8.53
CA ILE B 131 -2.26 -19.20 -8.65
C ILE B 131 -1.79 -20.57 -9.19
N GLU B 132 -2.59 -21.62 -8.90
CA GLU B 132 -2.23 -23.00 -9.28
C GLU B 132 -1.87 -23.15 -10.79
N GLU B 133 -2.60 -22.45 -11.66
CA GLU B 133 -2.39 -22.46 -13.12
C GLU B 133 -0.97 -22.01 -13.54
N GLU B 134 -0.32 -21.15 -12.74
CA GLU B 134 1.03 -20.67 -13.07
C GLU B 134 2.05 -21.81 -13.14
N LEU B 135 1.84 -22.91 -12.38
CA LEU B 135 2.72 -24.08 -12.48
C LEU B 135 2.76 -24.63 -13.92
N ASP B 136 1.63 -24.58 -14.65
CA ASP B 136 1.56 -25.03 -16.03
C ASP B 136 2.49 -24.19 -16.92
N ARG B 137 2.54 -22.87 -16.71
CA ARG B 137 3.41 -22.00 -17.49
C ARG B 137 4.86 -22.16 -17.09
N ARG B 138 5.15 -22.42 -15.79
CA ARG B 138 6.51 -22.71 -15.36
C ARG B 138 6.95 -24.01 -16.06
N SER B 139 6.08 -25.04 -16.07
CA SER B 139 6.34 -26.32 -16.74
C SER B 139 6.54 -26.15 -18.24
N LEU B 140 5.77 -25.25 -18.87
CA LEU B 140 5.90 -24.96 -20.29
C LEU B 140 7.30 -24.43 -20.60
N LEU B 141 7.79 -23.40 -19.85
CA LEU B 141 9.15 -22.90 -20.08
C LEU B 141 10.20 -23.99 -19.85
N TYR B 142 10.06 -24.80 -18.78
CA TYR B 142 11.04 -25.88 -18.55
C TYR B 142 11.05 -26.89 -19.70
N SER B 143 9.87 -27.18 -20.26
CA SER B 143 9.70 -28.13 -21.37
C SER B 143 10.41 -27.70 -22.66
N LEU B 144 10.80 -26.41 -22.80
CA LEU B 144 11.50 -25.92 -23.98
C LEU B 144 13.00 -26.13 -23.92
N LEU B 145 13.57 -26.36 -22.74
CA LEU B 145 15.03 -26.35 -22.60
C LEU B 145 15.75 -27.50 -23.30
N MET B 146 15.31 -28.73 -23.04
CA MET B 146 15.95 -29.92 -23.60
C MET B 146 15.71 -30.06 -25.12
N PRO B 147 14.51 -29.75 -25.67
CA PRO B 147 14.38 -29.69 -27.13
C PRO B 147 15.39 -28.71 -27.77
N VAL B 148 15.69 -27.58 -27.10
CA VAL B 148 16.66 -26.59 -27.59
C VAL B 148 18.10 -27.16 -27.48
N MET B 149 18.45 -27.68 -26.31
CA MET B 149 19.78 -28.23 -26.07
C MET B 149 20.10 -29.40 -27.00
N ASP B 150 19.14 -30.31 -27.17
CA ASP B 150 19.26 -31.51 -27.98
C ASP B 150 19.67 -31.23 -29.44
N GLN B 151 19.36 -30.02 -29.96
CA GLN B 151 19.78 -29.62 -31.30
C GLN B 151 21.31 -29.58 -31.36
N PHE B 152 21.96 -29.07 -30.29
CA PHE B 152 23.39 -28.85 -30.19
C PHE B 152 24.17 -29.96 -29.54
N VAL B 153 23.57 -30.64 -28.56
CA VAL B 153 24.23 -31.70 -27.80
C VAL B 153 23.33 -32.93 -27.88
N PRO B 154 23.46 -33.75 -28.95
CA PRO B 154 22.59 -34.92 -29.05
C PRO B 154 22.93 -36.03 -28.03
N GLY B 155 22.00 -36.94 -27.84
CA GLY B 155 22.20 -38.12 -27.00
C GLY B 155 22.08 -37.94 -25.49
N LEU B 156 21.51 -36.81 -25.01
CA LEU B 156 21.37 -36.62 -23.56
C LEU B 156 20.32 -37.50 -22.94
N ASP B 157 19.39 -38.05 -23.73
CA ASP B 157 18.42 -39.03 -23.25
C ASP B 157 19.08 -40.38 -22.91
N LYS B 158 20.35 -40.62 -23.31
CA LYS B 158 21.00 -41.90 -23.03
C LYS B 158 21.77 -41.96 -21.70
N GLY B 159 21.67 -40.93 -20.88
CA GLY B 159 22.31 -40.92 -19.59
C GLY B 159 21.58 -40.06 -18.60
N LYS B 160 22.28 -39.70 -17.54
CA LYS B 160 21.72 -38.93 -16.44
C LYS B 160 22.35 -37.56 -16.30
N GLY B 161 21.63 -36.66 -15.66
CA GLY B 161 22.13 -35.35 -15.29
C GLY B 161 22.40 -35.36 -13.79
N MET B 162 23.58 -34.88 -13.35
CA MET B 162 23.88 -34.80 -11.91
C MET B 162 23.64 -33.35 -11.52
N TYR B 163 22.42 -33.09 -11.05
CA TYR B 163 22.02 -31.79 -10.60
C TYR B 163 21.82 -31.80 -9.09
N PHE B 164 22.34 -30.76 -8.43
CA PHE B 164 22.20 -30.57 -6.99
C PHE B 164 21.06 -29.59 -6.84
N LEU B 165 19.85 -30.10 -6.52
CA LEU B 165 18.64 -29.26 -6.39
C LEU B 165 18.20 -29.22 -4.96
N PHE B 166 17.71 -28.07 -4.51
CA PHE B 166 17.42 -27.86 -3.10
C PHE B 166 16.10 -27.23 -2.78
N ILE B 167 15.46 -27.70 -1.70
CA ILE B 167 14.30 -27.04 -1.10
C ILE B 167 14.84 -26.15 0.04
N LYS B 168 14.07 -25.15 0.42
CA LYS B 168 14.40 -24.20 1.46
C LYS B 168 13.26 -24.12 2.45
N SER B 169 13.49 -23.44 3.58
CA SER B 169 12.47 -23.28 4.60
C SER B 169 11.23 -22.59 4.09
N GLU B 170 10.12 -23.02 4.66
CA GLU B 170 8.79 -22.64 4.33
C GLU B 170 8.13 -22.05 5.61
N SER B 171 7.09 -21.26 5.42
CA SER B 171 6.34 -20.67 6.53
C SER B 171 4.90 -20.45 6.07
N LYS B 172 4.02 -20.03 6.99
CA LYS B 172 2.63 -19.75 6.66
C LYS B 172 2.35 -18.28 6.97
N THR B 173 1.57 -17.63 6.11
CA THR B 173 1.20 -16.25 6.35
C THR B 173 0.13 -16.21 7.49
N PRO B 174 -0.15 -15.05 8.11
CA PRO B 174 -1.21 -15.03 9.15
C PRO B 174 -2.57 -15.57 8.71
N GLY B 175 -2.92 -15.41 7.44
CA GLY B 175 -4.17 -15.93 6.90
C GLY B 175 -4.16 -17.41 6.52
N GLY B 176 -3.04 -18.09 6.71
CA GLY B 176 -2.92 -19.53 6.44
C GLY B 176 -2.32 -19.95 5.11
N LEU B 177 -2.02 -19.01 4.19
CA LEU B 177 -1.46 -19.38 2.90
C LEU B 177 0.01 -19.76 3.04
N PRO B 178 0.50 -20.81 2.34
CA PRO B 178 1.95 -21.09 2.39
C PRO B 178 2.76 -19.96 1.75
N ALA B 179 3.95 -19.73 2.27
CA ALA B 179 4.88 -18.75 1.76
C ALA B 179 6.19 -19.51 1.63
N ARG B 180 6.65 -19.72 0.39
CA ARG B 180 7.87 -20.46 0.17
C ARG B 180 8.56 -20.08 -1.14
N PRO B 181 9.88 -20.34 -1.32
CA PRO B 181 10.51 -19.99 -2.57
C PRO B 181 9.93 -20.77 -3.75
N VAL B 182 9.95 -20.14 -4.93
CA VAL B 182 9.37 -20.68 -6.16
C VAL B 182 9.88 -22.10 -6.47
N LEU B 183 11.19 -22.37 -6.28
CA LEU B 183 11.72 -23.68 -6.57
C LEU B 183 11.29 -24.70 -5.54
N THR B 184 11.13 -24.31 -4.26
CA THR B 184 10.61 -25.23 -3.23
C THR B 184 9.19 -25.62 -3.57
N SER B 185 8.37 -24.67 -3.99
CA SER B 185 7.00 -24.94 -4.42
C SER B 185 7.03 -25.89 -5.65
N TYR B 186 7.90 -25.61 -6.62
CA TYR B 186 7.94 -26.43 -7.84
C TYR B 186 8.34 -27.87 -7.54
N TYR B 187 9.44 -28.08 -6.80
CA TYR B 187 9.90 -29.44 -6.51
C TYR B 187 8.86 -30.22 -5.72
N LYS B 188 8.16 -29.58 -4.81
CA LYS B 188 7.12 -30.21 -3.99
C LYS B 188 5.82 -30.46 -4.75
N SER B 189 5.60 -29.80 -5.90
CA SER B 189 4.39 -30.00 -6.71
C SER B 189 4.44 -31.32 -7.46
N SER B 190 3.27 -31.78 -7.94
CA SER B 190 3.19 -32.99 -8.75
C SER B 190 3.90 -32.81 -10.10
N HIS B 191 4.03 -31.57 -10.62
CA HIS B 191 4.78 -31.31 -11.86
C HIS B 191 6.23 -31.84 -11.79
N PHE B 192 6.81 -31.92 -10.58
CA PHE B 192 8.18 -32.42 -10.42
C PHE B 192 8.20 -33.77 -9.65
N LYS B 193 7.61 -33.81 -8.45
CA LYS B 193 7.60 -34.99 -7.58
C LYS B 193 6.98 -36.21 -8.28
N ASN B 194 5.90 -36.01 -9.04
CA ASN B 194 5.24 -37.11 -9.76
C ASN B 194 5.29 -36.87 -11.25
N ARG B 195 6.45 -36.40 -11.76
CA ARG B 195 6.62 -36.14 -13.18
C ARG B 195 6.67 -37.49 -13.94
N PRO B 196 6.08 -37.63 -15.16
CA PRO B 196 6.16 -38.94 -15.85
C PRO B 196 7.60 -39.27 -16.25
N TYR B 197 7.94 -40.54 -16.51
CA TYR B 197 9.29 -40.90 -16.91
C TYR B 197 9.67 -40.18 -18.21
N ASP B 198 10.72 -39.36 -18.13
CA ASP B 198 11.26 -38.62 -19.26
C ASP B 198 12.78 -38.92 -19.20
N PRO B 199 13.42 -39.57 -20.19
CA PRO B 199 14.87 -39.82 -20.07
C PRO B 199 15.72 -38.53 -20.10
N TYR B 200 15.09 -37.38 -20.44
CA TYR B 200 15.72 -36.08 -20.40
C TYR B 200 15.63 -35.46 -19.00
N THR B 201 14.81 -36.00 -18.08
CA THR B 201 14.72 -35.54 -16.68
C THR B 201 15.10 -36.71 -15.74
N ASN B 202 16.04 -37.55 -16.17
CA ASN B 202 16.53 -38.66 -15.38
C ASN B 202 17.78 -38.11 -14.66
N TYR B 203 17.64 -37.80 -13.37
CA TYR B 203 18.71 -37.24 -12.57
C TYR B 203 19.28 -38.24 -11.58
N THR B 204 20.56 -38.07 -11.24
CA THR B 204 21.20 -38.95 -10.25
C THR B 204 20.54 -38.79 -8.86
N SER B 205 19.94 -37.61 -8.57
CA SER B 205 19.34 -37.35 -7.29
C SER B 205 17.92 -37.87 -7.21
N PRO B 206 17.61 -38.84 -6.31
CA PRO B 206 16.20 -39.21 -6.13
C PRO B 206 15.41 -38.02 -5.59
N ASN B 207 14.13 -37.95 -5.92
CA ASN B 207 13.26 -36.85 -5.44
C ASN B 207 13.30 -36.67 -3.92
N GLN B 208 13.41 -37.78 -3.18
N GLN B 208 13.35 -37.77 -3.13
CA GLN B 208 13.45 -37.79 -1.73
CA GLN B 208 13.39 -37.63 -1.67
C GLN B 208 14.70 -37.11 -1.16
C GLN B 208 14.71 -37.07 -1.13
N THR B 209 15.81 -37.10 -1.92
CA THR B 209 17.05 -36.43 -1.48
C THR B 209 16.89 -34.91 -1.69
N ILE B 210 16.21 -34.50 -2.80
CA ILE B 210 15.92 -33.09 -3.13
C ILE B 210 14.90 -32.52 -2.12
N LEU B 211 13.88 -33.31 -1.76
CA LEU B 211 12.82 -32.87 -0.87
C LEU B 211 13.11 -33.09 0.62
N CYS B 212 14.37 -33.32 0.98
CA CYS B 212 14.77 -33.44 2.38
C CYS B 212 14.99 -32.02 2.92
N SER B 213 14.32 -31.64 4.01
CA SER B 213 14.42 -30.31 4.63
C SER B 213 15.78 -30.03 5.28
N ASP B 214 16.49 -31.08 5.70
CA ASP B 214 17.81 -30.91 6.29
C ASP B 214 18.81 -30.72 5.12
N SER B 215 19.40 -29.53 4.99
CA SER B 215 20.30 -29.21 3.88
C SER B 215 21.60 -30.05 3.88
N TYR B 216 22.14 -30.38 5.07
CA TYR B 216 23.33 -31.22 5.15
C TYR B 216 23.02 -32.62 4.58
N GLN B 217 21.89 -33.21 4.99
CA GLN B 217 21.51 -34.54 4.54
C GLN B 217 21.14 -34.56 3.06
N SER B 218 20.56 -33.46 2.55
CA SER B 218 20.22 -33.37 1.14
C SER B 218 21.51 -33.34 0.31
N MET B 219 22.48 -32.52 0.73
CA MET B 219 23.74 -32.40 0.00
C MET B 219 24.55 -33.69 0.03
N TYR B 220 24.70 -34.30 1.22
CA TYR B 220 25.45 -35.53 1.36
C TYR B 220 24.89 -36.64 0.49
N SER B 221 23.57 -36.87 0.57
CA SER B 221 22.92 -37.94 -0.18
C SER B 221 22.96 -37.69 -1.68
N GLN B 222 22.81 -36.43 -2.13
CA GLN B 222 22.89 -36.12 -3.56
C GLN B 222 24.31 -36.31 -4.08
N MET B 223 25.33 -35.89 -3.33
CA MET B 223 26.72 -36.08 -3.75
C MET B 223 27.05 -37.58 -3.79
N LEU B 224 26.60 -38.36 -2.80
CA LEU B 224 26.88 -39.81 -2.79
C LEU B 224 26.23 -40.49 -3.99
N CYS B 225 24.95 -40.19 -4.26
CA CYS B 225 24.25 -40.76 -5.41
C CYS B 225 24.92 -40.38 -6.73
N GLY B 226 25.39 -39.14 -6.84
CA GLY B 226 26.11 -38.69 -8.02
C GLY B 226 27.39 -39.48 -8.25
N LEU B 227 28.13 -39.76 -7.16
CA LEU B 227 29.36 -40.55 -7.27
C LEU B 227 29.04 -42.00 -7.62
N CYS B 228 28.01 -42.60 -6.97
CA CYS B 228 27.61 -43.97 -7.26
C CYS B 228 27.27 -44.21 -8.73
N GLN B 229 26.65 -43.25 -9.40
CA GLN B 229 26.23 -43.37 -10.79
C GLN B 229 27.12 -42.56 -11.72
N HIS B 230 28.40 -42.32 -11.35
CA HIS B 230 29.28 -41.39 -12.05
C HIS B 230 29.47 -41.62 -13.54
N LYS B 231 29.52 -42.87 -14.01
CA LYS B 231 29.73 -43.14 -15.45
C LYS B 231 28.52 -42.78 -16.31
N GLU B 232 27.33 -42.77 -15.72
CA GLU B 232 26.10 -42.43 -16.45
C GLU B 232 25.92 -40.92 -16.66
N VAL B 233 26.71 -40.08 -15.95
CA VAL B 233 26.56 -38.65 -15.94
C VAL B 233 27.05 -38.00 -17.25
N LEU B 234 26.12 -37.34 -17.97
CA LEU B 234 26.43 -36.64 -19.22
C LEU B 234 26.39 -35.12 -19.11
N ARG B 235 25.93 -34.60 -17.95
CA ARG B 235 25.85 -33.17 -17.65
C ARG B 235 25.75 -33.00 -16.14
N VAL B 236 26.29 -31.90 -15.65
CA VAL B 236 26.33 -31.61 -14.23
C VAL B 236 25.87 -30.19 -14.01
N GLY B 237 25.36 -29.92 -12.82
CA GLY B 237 24.98 -28.57 -12.49
C GLY B 237 24.09 -28.39 -11.28
N ALA B 238 23.49 -27.22 -11.26
CA ALA B 238 22.60 -26.70 -10.22
C ALA B 238 21.90 -25.46 -10.81
N VAL B 239 20.87 -24.90 -10.15
CA VAL B 239 20.20 -23.73 -10.70
C VAL B 239 21.20 -22.56 -10.90
N PHE B 240 21.95 -22.27 -9.89
CA PHE B 240 22.93 -21.22 -9.91
C PHE B 240 24.32 -21.82 -9.72
N ALA B 241 25.35 -21.13 -10.24
CA ALA B 241 26.74 -21.54 -10.06
C ALA B 241 27.13 -21.81 -8.59
N SER B 242 26.62 -20.98 -7.62
CA SER B 242 26.95 -21.10 -6.18
C SER B 242 26.60 -22.46 -5.57
N GLY B 243 25.42 -22.97 -5.86
CA GLY B 243 24.99 -24.27 -5.37
C GLY B 243 25.90 -25.39 -5.87
N PHE B 244 26.31 -25.36 -7.17
CA PHE B 244 27.22 -26.38 -7.72
C PHE B 244 28.61 -26.22 -7.12
N ILE B 245 29.10 -24.97 -6.96
CA ILE B 245 30.40 -24.77 -6.30
C ILE B 245 30.34 -25.29 -4.83
N ARG B 246 29.24 -25.07 -4.10
CA ARG B 246 29.08 -25.62 -2.75
C ARG B 246 29.12 -27.14 -2.78
N ALA B 247 28.51 -27.76 -3.83
CA ALA B 247 28.54 -29.22 -3.94
C ALA B 247 29.97 -29.71 -4.04
N ILE B 248 30.82 -29.04 -4.89
CA ILE B 248 32.25 -29.42 -5.03
C ILE B 248 33.00 -29.20 -3.70
N LYS B 249 32.71 -28.10 -3.00
CA LYS B 249 33.30 -27.81 -1.70
C LYS B 249 32.87 -28.87 -0.66
N PHE B 250 31.63 -29.36 -0.75
CA PHE B 250 31.14 -30.42 0.11
C PHE B 250 31.93 -31.69 -0.12
N LEU B 251 32.23 -32.03 -1.39
CA LEU B 251 33.06 -33.17 -1.70
C LEU B 251 34.46 -32.98 -1.12
N GLU B 252 35.01 -31.76 -1.22
CA GLU B 252 36.33 -31.47 -0.65
C GLU B 252 36.36 -31.76 0.85
N LYS B 253 35.30 -31.42 1.58
CA LYS B 253 35.26 -31.64 3.03
C LYS B 253 34.79 -33.02 3.43
N HIS B 254 34.06 -33.77 2.56
CA HIS B 254 33.46 -35.03 2.98
C HIS B 254 33.80 -36.26 2.12
N TRP B 255 34.73 -36.15 1.16
CA TRP B 255 35.06 -37.29 0.30
C TRP B 255 35.56 -38.52 1.09
N PRO B 256 36.36 -38.42 2.19
CA PRO B 256 36.75 -39.65 2.91
C PRO B 256 35.54 -40.43 3.42
N GLU B 257 34.53 -39.75 3.96
CA GLU B 257 33.35 -40.46 4.48
C GLU B 257 32.50 -40.97 3.33
N LEU B 258 32.31 -40.18 2.26
CA LEU B 258 31.55 -40.63 1.09
C LEU B 258 32.18 -41.88 0.46
N ALA B 259 33.52 -41.92 0.31
CA ALA B 259 34.20 -43.08 -0.27
C ALA B 259 34.13 -44.29 0.66
N ARG B 260 34.18 -44.07 1.97
CA ARG B 260 34.06 -45.16 2.95
C ARG B 260 32.65 -45.75 2.84
N ASP B 261 31.61 -44.90 2.66
CA ASP B 261 30.24 -45.35 2.44
C ASP B 261 30.12 -46.13 1.13
N ILE B 262 30.84 -45.73 0.08
CA ILE B 262 30.81 -46.44 -1.19
C ILE B 262 31.47 -47.82 -1.02
N ARG B 263 32.65 -47.86 -0.36
CA ARG B 263 33.38 -49.11 -0.17
C ARG B 263 32.55 -50.14 0.61
N THR B 264 31.93 -49.70 1.70
CA THR B 264 31.14 -50.58 2.57
C THR B 264 29.70 -50.81 2.12
N GLY B 265 29.15 -49.91 1.30
CA GLY B 265 27.75 -49.98 0.89
C GLY B 265 26.80 -49.60 2.01
N THR B 266 27.30 -48.94 3.09
CA THR B 266 26.50 -48.52 4.24
C THR B 266 26.44 -47.02 4.23
N LEU B 267 25.23 -46.45 4.38
CA LEU B 267 25.06 -45.00 4.39
C LEU B 267 25.40 -44.47 5.76
N SER B 268 26.12 -43.34 5.82
CA SER B 268 26.51 -42.65 7.05
C SER B 268 25.37 -42.54 8.07
N SER B 269 25.66 -42.88 9.33
CA SER B 269 24.68 -42.80 10.42
C SER B 269 24.18 -41.36 10.65
N GLU B 270 24.91 -40.34 10.17
CA GLU B 270 24.46 -38.96 10.28
C GLU B 270 23.27 -38.65 9.34
N ILE B 271 22.91 -39.57 8.42
CA ILE B 271 21.76 -39.39 7.55
C ILE B 271 20.63 -40.13 8.28
N THR B 272 19.94 -39.42 9.17
CA THR B 272 18.87 -39.98 10.00
C THR B 272 17.50 -39.99 9.32
N ASP B 273 17.30 -39.17 8.27
CA ASP B 273 16.03 -39.10 7.55
C ASP B 273 15.75 -40.44 6.86
N SER B 274 14.63 -41.10 7.21
CA SER B 274 14.26 -42.42 6.71
C SER B 274 13.94 -42.45 5.22
N SER B 275 13.30 -41.40 4.70
CA SER B 275 13.01 -41.31 3.27
C SER B 275 14.32 -41.24 2.48
N VAL B 276 15.31 -40.50 2.99
CA VAL B 276 16.61 -40.37 2.32
C VAL B 276 17.32 -41.73 2.37
N ARG B 277 17.36 -42.38 3.55
CA ARG B 277 17.98 -43.73 3.69
C ARG B 277 17.40 -44.74 2.70
N GLU B 278 16.07 -44.74 2.54
CA GLU B 278 15.39 -45.66 1.63
C GLU B 278 15.76 -45.36 0.17
N ALA B 279 15.71 -44.07 -0.24
CA ALA B 279 16.03 -43.69 -1.61
C ALA B 279 17.49 -43.99 -1.95
N VAL B 280 18.41 -43.68 -1.04
CA VAL B 280 19.85 -43.95 -1.23
C VAL B 280 20.12 -45.46 -1.25
N GLY B 281 19.38 -46.23 -0.45
CA GLY B 281 19.50 -47.69 -0.39
C GLY B 281 19.23 -48.38 -1.71
N GLU B 282 18.44 -47.75 -2.60
CA GLU B 282 18.18 -48.31 -3.92
C GLU B 282 19.34 -48.07 -4.91
N ILE B 283 20.29 -47.17 -4.58
CA ILE B 283 21.42 -46.82 -5.45
C ILE B 283 22.74 -47.33 -4.88
N LEU B 284 22.98 -47.06 -3.59
CA LEU B 284 24.23 -47.40 -2.91
C LEU B 284 24.45 -48.90 -2.81
N LYS B 285 25.65 -49.35 -3.22
CA LYS B 285 26.04 -50.73 -3.13
C LYS B 285 27.53 -50.82 -2.74
N PRO B 286 28.00 -51.92 -2.10
CA PRO B 286 29.45 -52.07 -1.85
C PRO B 286 30.23 -52.03 -3.16
N ASP B 287 31.18 -51.10 -3.28
CA ASP B 287 31.96 -50.94 -4.50
C ASP B 287 33.38 -50.46 -4.13
N PRO B 288 34.27 -51.35 -3.63
CA PRO B 288 35.62 -50.92 -3.25
C PRO B 288 36.43 -50.31 -4.38
N LYS B 289 36.24 -50.76 -5.64
CA LYS B 289 36.99 -50.22 -6.77
C LYS B 289 36.61 -48.79 -7.03
N LEU B 290 35.31 -48.46 -6.92
CA LEU B 290 34.86 -47.07 -7.11
C LEU B 290 35.37 -46.22 -5.96
N ALA B 291 35.33 -46.74 -4.72
CA ALA B 291 35.87 -46.01 -3.56
C ALA B 291 37.37 -45.73 -3.76
N ASP B 292 38.15 -46.70 -4.25
CA ASP B 292 39.57 -46.51 -4.57
C ASP B 292 39.75 -45.35 -5.58
N PHE B 293 38.91 -45.32 -6.62
CA PHE B 293 38.97 -44.31 -7.66
C PHE B 293 38.61 -42.93 -7.13
N VAL B 294 37.54 -42.82 -6.33
CA VAL B 294 37.12 -41.55 -5.74
C VAL B 294 38.23 -41.02 -4.83
N GLU B 295 38.80 -41.89 -3.98
CA GLU B 295 39.89 -41.49 -3.09
C GLU B 295 41.13 -41.07 -3.89
N SER B 296 41.50 -41.81 -4.94
CA SER B 296 42.69 -41.48 -5.73
C SER B 296 42.57 -40.10 -6.41
N GLU B 297 41.38 -39.72 -6.83
CA GLU B 297 41.16 -38.39 -7.43
C GLU B 297 41.13 -37.29 -6.39
N CYS B 298 40.36 -37.49 -5.34
CA CYS B 298 40.17 -36.48 -4.30
C CYS B 298 41.45 -36.23 -3.47
N ARG B 299 42.31 -37.24 -3.32
CA ARG B 299 43.57 -37.07 -2.58
C ARG B 299 44.58 -36.20 -3.30
N LYS B 300 44.45 -36.02 -4.62
CA LYS B 300 45.39 -35.20 -5.39
C LYS B 300 45.37 -33.76 -4.90
N THR B 301 46.55 -33.13 -4.85
CA THR B 301 46.68 -31.76 -4.39
C THR B 301 45.89 -30.80 -5.28
N SER B 302 46.00 -30.95 -6.60
CA SER B 302 45.25 -30.13 -7.54
C SER B 302 43.90 -30.77 -7.89
N TRP B 303 42.81 -30.00 -7.73
CA TRP B 303 41.47 -30.42 -8.15
C TRP B 303 41.10 -29.83 -9.52
N GLN B 304 42.09 -29.31 -10.29
CA GLN B 304 41.84 -28.82 -11.65
C GLN B 304 41.39 -29.99 -12.50
N GLY B 305 40.21 -29.87 -13.13
CA GLY B 305 39.64 -30.89 -13.97
C GLY B 305 39.04 -32.09 -13.25
N ILE B 306 38.89 -32.01 -11.90
CA ILE B 306 38.34 -33.14 -11.15
C ILE B 306 36.95 -33.58 -11.66
N ILE B 307 36.12 -32.65 -12.17
CA ILE B 307 34.79 -33.02 -12.68
C ILE B 307 34.90 -34.02 -13.82
N THR B 308 35.79 -33.75 -14.78
CA THR B 308 35.95 -34.63 -15.93
C THR B 308 36.68 -35.93 -15.59
N ARG B 309 37.32 -36.06 -14.44
CA ARG B 309 37.93 -37.34 -14.04
C ARG B 309 36.89 -38.14 -13.26
N LEU B 310 36.14 -37.52 -12.34
CA LEU B 310 35.14 -38.29 -11.58
C LEU B 310 33.89 -38.59 -12.45
N TRP B 311 33.51 -37.65 -13.30
CA TRP B 311 32.34 -37.76 -14.19
C TRP B 311 32.89 -37.62 -15.64
N PRO B 312 33.55 -38.66 -16.17
CA PRO B 312 34.24 -38.50 -17.46
C PRO B 312 33.38 -38.35 -18.72
N ASN B 313 32.08 -38.67 -18.67
CA ASN B 313 31.22 -38.46 -19.83
C ASN B 313 30.47 -37.11 -19.79
N THR B 314 30.80 -36.23 -18.83
CA THR B 314 30.19 -34.91 -18.72
C THR B 314 30.50 -34.08 -19.98
N LYS B 315 29.44 -33.55 -20.59
CA LYS B 315 29.51 -32.75 -21.81
C LYS B 315 29.53 -31.25 -21.52
N TYR B 316 28.89 -30.82 -20.41
CA TYR B 316 28.82 -29.42 -20.05
C TYR B 316 28.41 -29.24 -18.58
N VAL B 317 28.63 -28.03 -18.06
CA VAL B 317 28.28 -27.61 -16.72
C VAL B 317 27.07 -26.62 -16.91
N ASP B 318 25.93 -26.98 -16.38
CA ASP B 318 24.65 -26.28 -16.53
C ASP B 318 24.32 -25.52 -15.24
N VAL B 319 24.66 -24.24 -15.22
CA VAL B 319 24.50 -23.35 -14.06
C VAL B 319 24.32 -21.93 -14.59
N ILE B 320 23.54 -21.12 -13.88
CA ILE B 320 23.42 -19.71 -14.26
C ILE B 320 24.75 -19.03 -13.90
N VAL B 321 25.41 -18.46 -14.91
CA VAL B 321 26.65 -17.67 -14.72
C VAL B 321 26.50 -16.25 -15.35
N THR B 322 25.26 -15.81 -15.55
CA THR B 322 24.93 -14.45 -15.99
C THR B 322 24.53 -13.73 -14.70
N GLY B 323 24.64 -12.42 -14.71
CA GLY B 323 24.40 -11.63 -13.51
C GLY B 323 25.51 -11.80 -12.51
N THR B 324 25.20 -11.78 -11.22
CA THR B 324 26.21 -11.91 -10.14
C THR B 324 26.96 -13.22 -10.15
N MET B 325 26.26 -14.27 -10.60
CA MET B 325 26.87 -15.60 -10.63
C MET B 325 28.07 -15.70 -11.56
N SER B 326 28.35 -14.68 -12.41
CA SER B 326 29.52 -14.63 -13.27
C SER B 326 30.81 -14.66 -12.48
N GLN B 327 30.81 -14.21 -11.20
CA GLN B 327 31.98 -14.26 -10.32
C GLN B 327 32.54 -15.67 -10.18
N TYR B 328 31.69 -16.71 -10.35
CA TYR B 328 32.11 -18.11 -10.22
C TYR B 328 32.72 -18.70 -11.47
N ILE B 329 32.69 -18.00 -12.63
CA ILE B 329 33.17 -18.57 -13.89
C ILE B 329 34.63 -19.15 -13.76
N PRO B 330 35.68 -18.41 -13.28
CA PRO B 330 37.00 -19.02 -13.15
C PRO B 330 37.05 -20.27 -12.26
N THR B 331 36.27 -20.32 -11.18
CA THR B 331 36.27 -21.48 -10.29
C THR B 331 35.69 -22.68 -11.02
N LEU B 332 34.58 -22.48 -11.72
CA LEU B 332 33.94 -23.56 -12.47
C LEU B 332 34.85 -24.07 -13.58
N ASP B 333 35.53 -23.16 -14.32
CA ASP B 333 36.45 -23.56 -15.37
C ASP B 333 37.63 -24.37 -14.81
N TYR B 334 38.11 -24.01 -13.62
CA TYR B 334 39.19 -24.71 -12.95
C TYR B 334 38.77 -26.17 -12.63
N TYR B 335 37.61 -26.38 -11.97
CA TYR B 335 37.16 -27.73 -11.64
C TYR B 335 36.77 -28.55 -12.86
N SER B 336 36.31 -27.91 -13.95
CA SER B 336 35.87 -28.64 -15.12
C SER B 336 36.90 -28.74 -16.26
N ASN B 337 38.08 -28.13 -16.12
CA ASN B 337 39.07 -28.08 -17.18
C ASN B 337 38.49 -27.40 -18.45
N GLY B 338 37.71 -26.35 -18.26
CA GLY B 338 37.15 -25.61 -19.39
C GLY B 338 36.00 -26.25 -20.14
N LEU B 339 35.17 -27.07 -19.48
CA LEU B 339 33.98 -27.61 -20.14
C LEU B 339 33.02 -26.44 -20.47
N PRO B 340 32.16 -26.55 -21.50
CA PRO B 340 31.23 -25.46 -21.78
C PRO B 340 30.31 -25.15 -20.59
N LEU B 341 30.05 -23.85 -20.37
CA LEU B 341 29.19 -23.37 -19.32
C LEU B 341 27.89 -22.95 -19.99
N VAL B 342 26.81 -23.60 -19.62
CA VAL B 342 25.49 -23.41 -20.20
C VAL B 342 24.52 -22.66 -19.25
N CYS B 343 23.96 -21.52 -19.70
CA CYS B 343 22.93 -20.71 -19.01
C CYS B 343 21.66 -20.91 -19.77
N THR B 344 20.74 -21.72 -19.25
CA THR B 344 19.58 -22.12 -20.02
C THR B 344 18.36 -21.23 -19.94
N MET B 345 18.10 -20.61 -18.79
CA MET B 345 16.88 -19.83 -18.65
C MET B 345 16.95 -18.68 -17.67
N TYR B 346 16.00 -17.75 -17.84
CA TYR B 346 15.89 -16.52 -17.08
C TYR B 346 14.47 -16.50 -16.50
N ALA B 347 14.35 -16.47 -15.18
CA ALA B 347 13.08 -16.58 -14.47
C ALA B 347 13.14 -15.94 -13.07
N SER B 348 11.96 -15.70 -12.49
CA SER B 348 11.79 -15.14 -11.17
C SER B 348 10.53 -15.72 -10.46
N SER B 349 10.41 -15.40 -9.17
CA SER B 349 9.28 -15.76 -8.32
C SER B 349 7.96 -15.22 -8.88
N GLU B 350 7.98 -14.01 -9.44
CA GLU B 350 6.79 -13.40 -10.00
C GLU B 350 6.43 -13.93 -11.39
N CYS B 351 7.44 -14.34 -12.18
CA CYS B 351 7.20 -14.75 -13.56
C CYS B 351 8.41 -15.43 -14.17
N TYR B 352 8.19 -16.54 -14.87
CA TYR B 352 9.24 -17.19 -15.62
C TYR B 352 9.32 -16.39 -16.94
N PHE B 353 10.54 -16.02 -17.38
CA PHE B 353 10.68 -15.08 -18.49
C PHE B 353 11.10 -15.70 -19.85
N GLY B 354 12.27 -16.32 -19.92
CA GLY B 354 12.79 -16.78 -21.20
C GLY B 354 13.83 -17.87 -21.19
N VAL B 355 14.27 -18.22 -22.40
CA VAL B 355 15.19 -19.29 -22.68
C VAL B 355 16.35 -18.79 -23.52
N ASN B 356 17.53 -19.39 -23.31
CA ASN B 356 18.69 -19.16 -24.14
C ASN B 356 18.60 -20.10 -25.34
N LEU B 357 18.41 -19.54 -26.54
CA LEU B 357 18.33 -20.31 -27.78
C LEU B 357 19.72 -20.66 -28.36
N ARG B 358 20.81 -20.22 -27.71
CA ARG B 358 22.20 -20.55 -28.07
C ARG B 358 22.88 -21.05 -26.79
N PRO B 359 22.50 -22.22 -26.25
CA PRO B 359 23.08 -22.66 -24.97
C PRO B 359 24.59 -22.85 -24.99
N LEU B 360 25.18 -23.13 -26.16
CA LEU B 360 26.63 -23.32 -26.25
C LEU B 360 27.42 -22.05 -26.54
N CYS B 361 26.78 -20.87 -26.46
CA CYS B 361 27.47 -19.60 -26.60
C CYS B 361 28.41 -19.40 -25.37
N LYS B 362 29.30 -18.43 -25.46
CA LYS B 362 30.18 -18.09 -24.34
C LYS B 362 29.34 -17.37 -23.25
N PRO B 363 29.66 -17.47 -21.94
CA PRO B 363 28.86 -16.76 -20.93
C PRO B 363 28.63 -15.28 -21.18
N SER B 364 29.67 -14.59 -21.70
CA SER B 364 29.58 -13.17 -22.02
C SER B 364 28.67 -12.84 -23.20
N GLU B 365 28.30 -13.84 -24.02
CA GLU B 365 27.45 -13.69 -25.19
C GLU B 365 25.99 -14.14 -24.94
N VAL B 366 25.63 -14.53 -23.71
CA VAL B 366 24.29 -15.06 -23.44
C VAL B 366 23.20 -14.02 -23.62
N SER B 367 22.16 -14.39 -24.34
CA SER B 367 20.96 -13.59 -24.45
C SER B 367 19.75 -14.52 -24.31
N TYR B 368 18.70 -14.01 -23.66
CA TYR B 368 17.49 -14.75 -23.34
C TYR B 368 16.33 -14.26 -24.19
N THR B 369 15.66 -15.20 -24.84
CA THR B 369 14.50 -14.91 -25.67
C THR B 369 13.31 -15.05 -24.75
N LEU B 370 12.62 -13.95 -24.47
CA LEU B 370 11.41 -14.00 -23.63
C LEU B 370 10.31 -14.69 -24.42
N ILE B 371 9.59 -15.59 -23.75
CA ILE B 371 8.54 -16.35 -24.38
C ILE B 371 7.24 -15.58 -24.18
N PRO B 372 6.61 -15.09 -25.27
CA PRO B 372 5.46 -14.17 -25.10
C PRO B 372 4.18 -14.75 -24.46
N ASN B 373 4.11 -16.07 -24.25
CA ASN B 373 2.96 -16.69 -23.57
C ASN B 373 3.02 -16.58 -22.04
N MET B 374 4.18 -16.19 -21.46
CA MET B 374 4.34 -16.20 -20.02
C MET B 374 3.62 -15.09 -19.28
N ALA B 375 3.61 -13.90 -19.88
CA ALA B 375 3.08 -12.69 -19.29
C ALA B 375 3.08 -11.56 -20.35
N TYR B 376 2.38 -10.44 -20.10
CA TYR B 376 2.42 -9.28 -20.99
C TYR B 376 3.60 -8.40 -20.50
N PHE B 377 4.64 -8.31 -21.34
CA PHE B 377 5.90 -7.63 -21.06
C PHE B 377 5.98 -6.24 -21.65
N GLU B 378 6.49 -5.30 -20.85
CA GLU B 378 6.71 -3.91 -21.23
C GLU B 378 8.11 -3.50 -20.76
N PHE B 379 8.66 -2.47 -21.40
CA PHE B 379 10.04 -2.06 -21.22
C PHE B 379 10.19 -0.56 -21.01
N LEU B 380 10.85 -0.17 -19.90
CA LEU B 380 11.09 1.22 -19.55
C LEU B 380 12.48 1.57 -20.04
N PRO B 381 12.67 2.55 -20.96
CA PRO B 381 14.03 2.85 -21.40
C PRO B 381 14.90 3.37 -20.24
N VAL B 382 16.16 2.91 -20.15
CA VAL B 382 17.10 3.38 -19.12
C VAL B 382 18.28 4.07 -19.84
N HIS B 383 18.70 5.24 -19.32
CA HIS B 383 19.75 6.09 -19.90
C HIS B 383 20.72 6.57 -18.83
N ALA B 397 8.35 8.48 -9.10
CA ALA B 397 9.60 8.32 -9.83
C ALA B 397 9.37 8.43 -11.36
N LEU B 398 8.37 7.69 -11.91
CA LEU B 398 8.11 7.77 -13.34
C LEU B 398 7.01 8.80 -13.60
N THR B 399 7.19 9.62 -14.65
CA THR B 399 6.18 10.62 -15.01
C THR B 399 4.99 9.90 -15.69
N GLU B 400 3.84 10.59 -15.87
CA GLU B 400 2.67 10.04 -16.56
C GLU B 400 3.05 9.61 -17.97
N LYS B 401 3.76 10.49 -18.71
CA LYS B 401 4.22 10.21 -20.07
C LYS B 401 5.07 8.94 -20.12
N GLU B 402 6.06 8.82 -19.23
CA GLU B 402 6.94 7.64 -19.19
C GLU B 402 6.16 6.35 -18.94
N GLN B 403 5.16 6.39 -18.06
CA GLN B 403 4.35 5.21 -17.76
C GLN B 403 3.49 4.81 -18.96
N GLN B 404 2.84 5.79 -19.59
CA GLN B 404 1.97 5.54 -20.74
C GLN B 404 2.77 5.09 -21.98
N GLU B 405 4.03 5.53 -22.10
CA GLU B 405 4.88 5.23 -23.25
C GLU B 405 5.88 4.10 -23.02
N LEU B 406 5.60 3.13 -22.11
CA LEU B 406 6.47 1.96 -21.98
C LEU B 406 6.48 1.20 -23.32
N VAL B 407 7.63 0.69 -23.70
CA VAL B 407 7.81 0.06 -24.98
C VAL B 407 7.34 -1.39 -24.96
N ASP B 408 6.60 -1.81 -26.01
CA ASP B 408 6.15 -3.20 -26.11
C ASP B 408 7.26 -4.12 -26.56
N LEU B 409 7.15 -5.42 -26.20
CA LEU B 409 8.13 -6.46 -26.47
C LEU B 409 8.75 -6.40 -27.88
N VAL B 410 7.91 -6.39 -28.92
CA VAL B 410 8.41 -6.38 -30.30
C VAL B 410 9.03 -5.04 -30.74
N ASP B 411 8.74 -3.94 -30.03
CA ASP B 411 9.21 -2.59 -30.37
C ASP B 411 10.51 -2.15 -29.73
N VAL B 412 11.13 -3.01 -28.90
CA VAL B 412 12.41 -2.65 -28.28
C VAL B 412 13.49 -2.55 -29.38
N LYS B 413 14.49 -1.68 -29.17
CA LYS B 413 15.52 -1.43 -30.16
C LYS B 413 16.88 -2.05 -29.83
N LEU B 414 17.55 -2.55 -30.87
CA LEU B 414 18.85 -3.20 -30.76
C LEU B 414 19.88 -2.31 -30.05
N GLY B 415 20.61 -2.88 -29.11
CA GLY B 415 21.63 -2.18 -28.36
C GLY B 415 21.12 -1.27 -27.24
N GLN B 416 19.80 -1.08 -27.11
CA GLN B 416 19.25 -0.22 -26.08
C GLN B 416 18.95 -0.99 -24.79
N GLU B 417 19.09 -0.30 -23.64
CA GLU B 417 18.85 -0.87 -22.33
C GLU B 417 17.48 -0.49 -21.80
N TYR B 418 16.84 -1.42 -21.10
CA TYR B 418 15.51 -1.25 -20.57
C TYR B 418 15.34 -1.94 -19.25
N GLU B 419 14.39 -1.46 -18.46
CA GLU B 419 13.99 -2.11 -17.22
C GLU B 419 12.76 -2.95 -17.59
N LEU B 420 12.74 -4.21 -17.11
CA LEU B 420 11.63 -5.14 -17.39
C LEU B 420 10.43 -4.84 -16.50
N VAL B 421 9.25 -4.74 -17.13
CA VAL B 421 7.95 -4.49 -16.50
C VAL B 421 7.03 -5.64 -16.90
N VAL B 422 6.30 -6.24 -15.93
CA VAL B 422 5.48 -7.41 -16.21
C VAL B 422 4.03 -7.32 -15.69
N THR B 423 3.10 -7.92 -16.46
CA THR B 423 1.69 -8.07 -16.12
C THR B 423 1.42 -9.56 -16.24
N THR B 424 1.12 -10.19 -15.09
CA THR B 424 0.97 -11.63 -14.96
C THR B 424 -0.47 -12.10 -14.74
N TYR B 425 -0.69 -13.43 -14.87
CA TYR B 425 -1.97 -14.07 -14.57
C TYR B 425 -2.24 -14.15 -13.06
N ALA B 426 -1.27 -13.76 -12.22
CA ALA B 426 -1.33 -13.86 -10.78
C ALA B 426 -1.39 -12.51 -10.05
N GLY B 427 -2.06 -11.52 -10.62
CA GLY B 427 -2.31 -10.26 -9.92
C GLY B 427 -1.31 -9.13 -9.95
N LEU B 428 -0.25 -9.24 -10.78
CA LEU B 428 0.69 -8.13 -10.94
C LEU B 428 0.34 -7.40 -12.22
N TYR B 429 0.13 -6.09 -12.15
CA TYR B 429 -0.23 -5.29 -13.31
C TYR B 429 0.82 -4.19 -13.43
N ARG B 430 1.61 -4.24 -14.51
CA ARG B 430 2.69 -3.28 -14.82
C ARG B 430 3.69 -3.15 -13.66
N TYR B 431 4.20 -4.31 -13.21
CA TYR B 431 5.12 -4.44 -12.11
C TYR B 431 6.56 -4.36 -12.57
N ARG B 432 7.35 -3.50 -11.96
CA ARG B 432 8.78 -3.33 -12.27
C ARG B 432 9.56 -4.44 -11.58
N VAL B 433 10.19 -5.29 -12.36
CA VAL B 433 10.96 -6.43 -11.85
C VAL B 433 12.24 -5.97 -11.15
N GLY B 434 12.87 -4.93 -11.68
CA GLY B 434 14.11 -4.38 -11.16
C GLY B 434 15.32 -4.84 -11.93
N ASP B 435 15.13 -5.53 -13.07
CA ASP B 435 16.23 -6.02 -13.89
C ASP B 435 16.41 -5.13 -15.09
N VAL B 436 17.67 -4.87 -15.43
CA VAL B 436 18.05 -4.08 -16.60
C VAL B 436 18.54 -5.07 -17.63
N LEU B 437 17.99 -4.97 -18.82
CA LEU B 437 18.25 -5.84 -19.93
C LEU B 437 18.71 -5.03 -21.14
N SER B 438 19.52 -5.62 -22.00
CA SER B 438 20.00 -4.97 -23.20
C SER B 438 19.59 -5.80 -24.42
N VAL B 439 19.12 -5.17 -25.49
CA VAL B 439 18.67 -5.92 -26.68
C VAL B 439 19.90 -6.36 -27.48
N ALA B 440 20.14 -7.67 -27.56
CA ALA B 440 21.25 -8.27 -28.28
C ALA B 440 20.88 -8.69 -29.72
N GLY B 441 19.61 -8.97 -29.97
CA GLY B 441 19.14 -9.41 -31.27
C GLY B 441 17.69 -9.84 -31.22
N PHE B 442 17.24 -10.51 -32.28
CA PHE B 442 15.86 -10.97 -32.38
C PHE B 442 15.79 -12.40 -32.91
N LYS B 443 14.80 -13.15 -32.41
CA LYS B 443 14.45 -14.47 -32.91
C LYS B 443 13.10 -14.22 -33.56
N ASN B 444 13.07 -14.08 -34.90
CA ASN B 444 11.87 -13.71 -35.65
C ASN B 444 11.44 -12.31 -35.15
N ASN B 445 10.25 -12.10 -34.55
CA ASN B 445 9.89 -10.80 -34.01
C ASN B 445 10.14 -10.68 -32.49
N ALA B 446 10.64 -11.73 -31.82
CA ALA B 446 10.85 -11.71 -30.38
C ALA B 446 12.26 -11.22 -30.03
N PRO B 447 12.41 -10.21 -29.17
CA PRO B 447 13.77 -9.77 -28.79
C PRO B 447 14.51 -10.76 -27.89
N GLN B 448 15.84 -10.68 -27.92
CA GLN B 448 16.77 -11.50 -27.15
C GLN B 448 17.57 -10.53 -26.32
N PHE B 449 17.59 -10.77 -25.03
CA PHE B 449 18.18 -9.83 -24.08
C PHE B 449 19.40 -10.33 -23.34
N SER B 450 20.45 -9.51 -23.29
CA SER B 450 21.57 -9.75 -22.42
C SER B 450 21.16 -9.24 -21.03
N PHE B 451 21.39 -10.03 -20.00
CA PHE B 451 21.09 -9.63 -18.65
C PHE B 451 22.19 -8.67 -18.15
N ILE B 452 21.82 -7.44 -17.78
CA ILE B 452 22.78 -6.44 -17.29
C ILE B 452 22.89 -6.52 -15.74
N CYS B 453 21.80 -6.35 -14.95
CA CYS B 453 21.87 -6.47 -13.48
C CYS B 453 20.50 -6.42 -12.85
N ARG B 454 20.42 -6.87 -11.57
CA ARG B 454 19.30 -6.56 -10.69
C ARG B 454 19.81 -5.25 -10.09
N LYS B 455 19.06 -4.16 -10.28
CA LYS B 455 19.43 -2.83 -9.85
C LYS B 455 19.94 -2.78 -8.40
N ASN B 456 21.02 -2.01 -8.18
CA ASN B 456 21.62 -1.69 -6.87
C ASN B 456 22.23 -2.87 -6.07
N VAL B 457 22.20 -4.12 -6.58
CA VAL B 457 22.79 -5.25 -5.85
C VAL B 457 24.32 -5.19 -5.92
N VAL B 458 25.02 -5.24 -4.76
CA VAL B 458 26.49 -5.14 -4.69
C VAL B 458 27.20 -6.40 -4.18
N LEU B 459 26.56 -7.19 -3.30
CA LEU B 459 27.22 -8.36 -2.73
C LEU B 459 26.28 -9.52 -2.79
N SER B 460 26.81 -10.67 -3.21
CA SER B 460 26.01 -11.87 -3.32
C SER B 460 26.95 -13.08 -3.26
N ILE B 461 26.62 -14.08 -2.44
CA ILE B 461 27.36 -15.32 -2.38
C ILE B 461 26.50 -16.41 -3.03
N ASP B 462 25.24 -16.50 -2.61
CA ASP B 462 24.29 -17.45 -3.14
C ASP B 462 23.02 -16.65 -3.56
N SER B 463 21.81 -16.94 -3.06
CA SER B 463 20.61 -16.16 -3.43
C SER B 463 20.55 -14.80 -2.74
N ASP B 464 21.34 -14.59 -1.66
CA ASP B 464 21.44 -13.30 -0.98
C ASP B 464 21.87 -12.23 -1.97
N LYS B 465 21.19 -11.12 -1.95
CA LYS B 465 21.47 -10.00 -2.84
C LYS B 465 21.44 -8.81 -1.92
N THR B 466 22.61 -8.34 -1.49
CA THR B 466 22.71 -7.22 -0.59
C THR B 466 22.91 -5.95 -1.43
N ASP B 467 22.06 -4.93 -1.27
CA ASP B 467 22.19 -3.68 -2.01
C ASP B 467 23.10 -2.67 -1.29
N GLU B 468 23.52 -1.64 -2.02
CA GLU B 468 24.44 -0.60 -1.55
C GLU B 468 23.93 0.15 -0.33
N VAL B 469 22.61 0.44 -0.28
CA VAL B 469 21.97 1.14 0.82
C VAL B 469 21.95 0.24 2.07
N GLU B 470 21.60 -1.03 1.88
CA GLU B 470 21.58 -2.00 2.96
C GLU B 470 23.00 -2.15 3.60
N LEU B 471 24.06 -2.26 2.77
CA LEU B 471 25.45 -2.38 3.23
C LEU B 471 25.89 -1.11 3.99
N GLN B 472 25.45 0.05 3.49
CA GLN B 472 25.74 1.35 4.09
C GLN B 472 25.07 1.46 5.46
N ASN B 473 23.80 1.10 5.56
CA ASN B 473 23.07 1.14 6.82
C ASN B 473 23.70 0.16 7.82
N ALA B 474 24.11 -1.03 7.36
CA ALA B 474 24.72 -2.03 8.23
C ALA B 474 26.05 -1.56 8.81
N VAL B 475 26.87 -0.89 7.98
CA VAL B 475 28.16 -0.34 8.40
C VAL B 475 27.91 0.84 9.35
N LYS B 476 26.88 1.67 9.06
CA LYS B 476 26.51 2.78 9.94
C LYS B 476 26.16 2.25 11.34
N ASN B 477 25.45 1.11 11.40
CA ASN B 477 25.09 0.51 12.67
C ASN B 477 26.33 -0.01 13.38
N ALA B 478 27.22 -0.69 12.64
CA ALA B 478 28.42 -1.28 13.24
C ALA B 478 29.44 -0.26 13.77
N VAL B 479 29.63 0.88 13.06
CA VAL B 479 30.59 1.89 13.48
C VAL B 479 30.20 2.58 14.80
N THR B 480 28.93 2.42 15.28
CA THR B 480 28.58 2.98 16.60
C THR B 480 29.45 2.32 17.71
N HIS B 481 29.90 1.06 17.50
CA HIS B 481 30.77 0.38 18.46
C HIS B 481 32.19 0.98 18.57
N LEU B 482 32.59 1.80 17.60
CA LEU B 482 33.90 2.49 17.63
C LEU B 482 33.87 3.80 18.40
N VAL B 483 32.68 4.40 18.57
CA VAL B 483 32.49 5.70 19.22
C VAL B 483 33.04 5.75 20.67
N PRO B 484 32.81 4.74 21.57
CA PRO B 484 33.43 4.79 22.90
C PRO B 484 34.97 4.76 22.89
N PHE B 485 35.57 4.30 21.79
CA PHE B 485 37.01 4.30 21.66
C PHE B 485 37.55 5.54 20.94
N ASP B 486 36.72 6.59 20.73
CA ASP B 486 37.11 7.82 20.02
C ASP B 486 37.74 7.49 18.66
N ALA B 487 37.17 6.49 17.99
CA ALA B 487 37.63 6.02 16.70
C ALA B 487 36.48 6.16 15.72
N SER B 488 36.84 6.26 14.43
CA SER B 488 35.86 6.37 13.37
C SER B 488 36.36 5.59 12.15
N LEU B 489 35.47 5.35 11.20
CA LEU B 489 35.82 4.62 9.98
C LEU B 489 36.08 5.64 8.88
N SER B 490 37.34 5.76 8.42
CA SER B 490 37.71 6.72 7.38
C SER B 490 37.13 6.26 6.05
N GLU B 491 37.42 5.01 5.67
CA GLU B 491 37.02 4.43 4.40
C GLU B 491 36.78 2.94 4.55
N TYR B 492 36.00 2.39 3.64
CA TYR B 492 35.79 0.96 3.57
C TYR B 492 35.42 0.54 2.15
N THR B 493 35.57 -0.75 1.88
CA THR B 493 35.04 -1.40 0.70
C THR B 493 34.68 -2.85 1.11
N SER B 494 34.12 -3.63 0.18
CA SER B 494 33.75 -5.00 0.44
C SER B 494 33.99 -5.85 -0.79
N TYR B 495 34.04 -7.15 -0.58
CA TYR B 495 34.06 -8.09 -1.67
C TYR B 495 33.43 -9.39 -1.23
N ALA B 496 32.92 -10.13 -2.21
CA ALA B 496 32.30 -11.41 -1.99
C ALA B 496 33.45 -12.43 -2.13
N ASP B 497 33.84 -13.06 -1.02
CA ASP B 497 34.94 -14.00 -0.96
C ASP B 497 34.43 -15.38 -1.22
N THR B 498 34.79 -15.96 -2.37
CA THR B 498 34.38 -17.30 -2.72
C THR B 498 35.50 -18.33 -2.53
N SER B 499 36.63 -17.97 -1.89
CA SER B 499 37.70 -18.96 -1.64
C SER B 499 37.30 -19.90 -0.49
N SER B 500 36.67 -19.29 0.54
CA SER B 500 36.27 -19.97 1.77
C SER B 500 35.13 -20.94 1.54
N ILE B 501 34.98 -21.87 2.46
CA ILE B 501 33.93 -22.85 2.35
C ILE B 501 32.94 -22.71 3.45
N PRO B 502 31.65 -22.30 3.17
CA PRO B 502 30.98 -21.50 2.10
C PRO B 502 31.58 -20.13 1.91
N GLY B 503 31.23 -19.43 0.82
CA GLY B 503 31.68 -18.06 0.60
C GLY B 503 31.21 -17.13 1.71
N HIS B 504 31.85 -15.98 1.87
CA HIS B 504 31.49 -15.01 2.90
C HIS B 504 31.79 -13.60 2.46
N TYR B 505 31.10 -12.61 3.07
CA TYR B 505 31.35 -11.20 2.75
C TYR B 505 32.60 -10.78 3.51
N VAL B 506 33.37 -9.92 2.91
CA VAL B 506 34.54 -9.35 3.53
C VAL B 506 34.42 -7.85 3.45
N LEU B 507 34.66 -7.17 4.57
CA LEU B 507 34.69 -5.71 4.60
C LEU B 507 36.14 -5.35 4.87
N PHE B 508 36.66 -4.33 4.19
CA PHE B 508 38.00 -3.85 4.42
C PHE B 508 37.79 -2.54 5.11
N TRP B 509 38.25 -2.42 6.35
CA TRP B 509 38.06 -1.20 7.13
C TRP B 509 39.38 -0.51 7.44
N GLU B 510 39.43 0.78 7.20
CA GLU B 510 40.56 1.60 7.60
C GLU B 510 40.05 2.58 8.64
N LEU B 511 40.61 2.53 9.84
CA LEU B 511 40.17 3.44 10.91
C LEU B 511 40.96 4.72 11.05
N CYS B 512 40.32 5.70 11.71
CA CYS B 512 40.90 6.95 12.16
C CYS B 512 40.81 6.89 13.69
N LEU B 513 41.95 6.69 14.34
CA LEU B 513 42.02 6.58 15.80
C LEU B 513 42.34 7.94 16.42
N ASN B 514 41.44 8.47 17.27
CA ASN B 514 41.66 9.74 18.00
C ASN B 514 41.81 9.57 19.53
N GLY B 515 41.70 8.34 20.04
CA GLY B 515 41.79 8.04 21.47
C GLY B 515 43.06 7.35 21.89
N ASN B 516 43.16 7.06 23.18
CA ASN B 516 44.31 6.40 23.79
C ASN B 516 44.08 4.94 24.16
N THR B 517 42.85 4.41 24.03
CA THR B 517 42.59 3.01 24.38
C THR B 517 42.53 2.14 23.11
N PRO B 518 43.48 1.20 22.92
CA PRO B 518 43.42 0.32 21.75
C PRO B 518 42.10 -0.46 21.66
N ILE B 519 41.61 -0.70 20.45
CA ILE B 519 40.32 -1.39 20.29
C ILE B 519 40.52 -2.92 20.40
N PRO B 520 39.87 -3.63 21.37
CA PRO B 520 40.11 -5.07 21.51
C PRO B 520 39.40 -5.95 20.49
N PRO B 521 39.79 -7.24 20.32
CA PRO B 521 39.11 -8.05 19.29
C PRO B 521 37.64 -8.21 19.47
N SER B 522 37.15 -8.25 20.72
CA SER B 522 35.73 -8.41 20.96
C SER B 522 34.89 -7.29 20.33
N VAL B 523 35.44 -6.06 20.22
CA VAL B 523 34.72 -4.92 19.61
C VAL B 523 34.59 -5.14 18.10
N PHE B 524 35.67 -5.59 17.41
CA PHE B 524 35.57 -5.83 15.97
C PHE B 524 34.67 -7.05 15.67
N GLU B 525 34.66 -8.04 16.56
CA GLU B 525 33.80 -9.20 16.42
C GLU B 525 32.33 -8.76 16.56
N ASP B 526 32.04 -7.82 17.48
CA ASP B 526 30.68 -7.33 17.63
C ASP B 526 30.30 -6.44 16.41
N CYS B 527 31.26 -5.74 15.77
CA CYS B 527 31.01 -4.96 14.55
C CYS B 527 30.59 -5.94 13.45
N CYS B 528 31.30 -7.08 13.31
CA CYS B 528 30.97 -8.13 12.35
C CYS B 528 29.54 -8.59 12.53
N LEU B 529 29.16 -8.96 13.79
CA LEU B 529 27.82 -9.45 14.06
C LEU B 529 26.77 -8.37 13.85
N THR B 530 27.04 -7.11 14.23
CA THR B 530 26.09 -6.02 14.01
C THR B 530 25.83 -5.81 12.52
N ILE B 531 26.85 -5.97 11.66
CA ILE B 531 26.66 -5.89 10.21
C ILE B 531 25.70 -7.01 9.77
N GLU B 532 25.97 -8.25 10.21
CA GLU B 532 25.14 -9.41 9.88
C GLU B 532 23.70 -9.29 10.35
N GLU B 533 23.47 -8.81 11.56
CA GLU B 533 22.12 -8.64 12.10
C GLU B 533 21.32 -7.59 11.27
N SER B 534 22.02 -6.64 10.61
CA SER B 534 21.42 -5.56 9.82
C SER B 534 21.18 -5.91 8.36
N LEU B 535 21.73 -7.03 7.88
CA LEU B 535 21.52 -7.47 6.51
C LEU B 535 20.17 -8.17 6.39
N ASN B 536 19.69 -8.33 5.14
CA ASN B 536 18.34 -8.82 4.91
C ASN B 536 18.17 -10.29 5.27
N SER B 537 16.90 -10.75 5.37
CA SER B 537 16.62 -12.11 5.83
C SER B 537 17.20 -13.18 4.99
N VAL B 538 17.47 -12.91 3.69
CA VAL B 538 18.01 -13.95 2.80
C VAL B 538 19.48 -14.24 3.17
N TYR B 539 20.25 -13.18 3.49
CA TYR B 539 21.60 -13.29 4.03
C TYR B 539 21.56 -14.07 5.36
N ARG B 540 20.70 -13.66 6.30
CA ARG B 540 20.62 -14.29 7.60
C ARG B 540 20.15 -15.76 7.50
N GLN B 541 19.24 -16.05 6.57
CA GLN B 541 18.82 -17.41 6.27
C GLN B 541 20.00 -18.25 5.75
N GLY B 542 20.82 -17.65 4.88
CA GLY B 542 22.00 -18.31 4.34
C GLY B 542 22.97 -18.75 5.41
N ARG B 543 23.12 -17.90 6.44
CA ARG B 543 23.98 -18.22 7.57
C ARG B 543 23.37 -19.27 8.51
N VAL B 544 22.10 -19.12 8.87
CA VAL B 544 21.46 -19.96 9.88
C VAL B 544 20.94 -21.31 9.39
N SER B 545 20.18 -21.31 8.27
CA SER B 545 19.49 -22.47 7.80
C SER B 545 20.31 -23.42 6.91
N ASP B 546 20.73 -23.02 5.68
CA ASP B 546 21.46 -23.96 4.83
C ASP B 546 22.95 -23.84 4.90
N LYS B 547 23.50 -22.85 5.63
CA LYS B 547 24.95 -22.69 5.73
C LYS B 547 25.54 -22.43 4.32
N SER B 548 24.82 -21.66 3.48
CA SER B 548 25.32 -21.25 2.17
C SER B 548 26.21 -20.00 2.24
N ILE B 549 26.31 -19.35 3.45
CA ILE B 549 27.12 -18.16 3.70
C ILE B 549 27.87 -18.41 5.00
N GLY B 550 29.15 -18.08 4.97
CA GLY B 550 29.98 -18.21 6.17
C GLY B 550 30.03 -16.93 7.00
N PRO B 551 30.62 -16.98 8.22
CA PRO B 551 30.72 -15.74 9.04
C PRO B 551 31.35 -14.55 8.34
N LEU B 552 30.73 -13.36 8.48
CA LEU B 552 31.27 -12.14 7.87
C LEU B 552 32.59 -11.79 8.56
N GLU B 553 33.53 -11.24 7.79
CA GLU B 553 34.87 -10.94 8.20
C GLU B 553 35.18 -9.49 7.92
N ILE B 554 35.79 -8.80 8.90
CA ILE B 554 36.26 -7.43 8.75
C ILE B 554 37.77 -7.56 8.77
N LYS B 555 38.39 -7.07 7.72
CA LYS B 555 39.82 -7.08 7.61
C LYS B 555 40.27 -5.66 7.77
N MET B 556 41.03 -5.39 8.84
CA MET B 556 41.57 -4.06 9.07
C MET B 556 42.78 -3.91 8.19
N VAL B 557 42.87 -2.79 7.50
CA VAL B 557 44.00 -2.53 6.61
C VAL B 557 44.91 -1.49 7.24
N GLU B 558 46.17 -1.43 6.77
CA GLU B 558 47.15 -0.44 7.23
C GLU B 558 46.65 0.96 6.90
N SER B 559 47.10 1.97 7.65
CA SER B 559 46.74 3.37 7.35
C SER B 559 47.37 3.73 6.00
N GLY B 560 46.63 4.48 5.17
CA GLY B 560 47.06 4.82 3.82
C GLY B 560 46.66 3.81 2.76
N THR B 561 46.01 2.67 3.13
CA THR B 561 45.62 1.65 2.15
C THR B 561 44.60 2.18 1.13
N PHE B 562 43.56 2.88 1.58
CA PHE B 562 42.57 3.42 0.66
C PHE B 562 43.14 4.61 -0.15
N ASP B 563 44.12 5.32 0.38
CA ASP B 563 44.81 6.37 -0.40
C ASP B 563 45.72 5.71 -1.47
N LYS B 564 46.29 4.53 -1.18
CA LYS B 564 47.12 3.77 -2.12
C LYS B 564 46.23 3.26 -3.27
N LEU B 565 44.97 2.83 -2.99
CA LEU B 565 44.03 2.44 -4.04
C LEU B 565 43.70 3.64 -4.91
N MET B 566 43.52 4.83 -4.30
CA MET B 566 43.26 6.06 -5.01
C MET B 566 44.44 6.39 -5.93
N ASP B 567 45.69 6.10 -5.52
CA ASP B 567 46.85 6.34 -6.38
C ASP B 567 46.77 5.49 -7.67
N TYR B 568 46.22 4.26 -7.60
CA TYR B 568 46.01 3.44 -8.81
C TYR B 568 45.00 4.14 -9.73
N ALA B 569 43.87 4.60 -9.17
CA ALA B 569 42.84 5.30 -9.94
C ALA B 569 43.38 6.60 -10.54
N ILE B 570 44.19 7.35 -9.79
CA ILE B 570 44.78 8.61 -10.27
C ILE B 570 45.69 8.31 -11.50
N SER B 571 46.53 7.28 -11.38
CA SER B 571 47.43 6.90 -12.46
C SER B 571 46.68 6.50 -13.73
N LEU B 572 45.43 6.00 -13.59
CA LEU B 572 44.59 5.60 -14.70
C LEU B 572 43.55 6.67 -15.10
N GLY B 573 43.80 7.93 -14.77
CA GLY B 573 42.95 9.05 -15.18
C GLY B 573 41.87 9.59 -14.26
N ALA B 574 41.73 9.07 -13.02
CA ALA B 574 40.70 9.58 -12.10
C ALA B 574 41.16 10.87 -11.43
N SER B 575 40.23 11.81 -11.20
CA SER B 575 40.56 13.06 -10.54
C SER B 575 40.45 12.92 -9.02
N ILE B 576 41.18 13.74 -8.28
CA ILE B 576 41.19 13.71 -6.82
C ILE B 576 39.82 14.21 -6.30
N ASN B 577 39.27 15.27 -6.92
CA ASN B 577 37.98 15.84 -6.53
C ASN B 577 36.74 15.01 -6.90
N GLN B 578 36.88 13.91 -7.68
CA GLN B 578 35.73 13.08 -8.05
C GLN B 578 35.84 11.62 -7.58
N TYR B 579 37.06 11.14 -7.24
CA TYR B 579 37.23 9.74 -6.83
C TYR B 579 36.51 9.45 -5.52
N LYS B 580 35.87 8.29 -5.46
CA LYS B 580 35.15 7.80 -4.30
C LYS B 580 35.56 6.33 -4.14
N THR B 581 35.88 5.90 -2.90
CA THR B 581 36.23 4.50 -2.67
C THR B 581 34.97 3.65 -2.97
N PRO B 582 35.01 2.70 -3.93
CA PRO B 582 33.79 1.93 -4.22
C PRO B 582 33.32 1.13 -3.02
N ARG B 583 31.98 0.99 -2.85
CA ARG B 583 31.42 0.21 -1.73
C ARG B 583 31.71 -1.29 -1.89
N CYS B 584 31.94 -1.77 -3.16
CA CYS B 584 32.26 -3.15 -3.51
C CYS B 584 33.36 -3.27 -4.58
N VAL B 585 34.11 -4.39 -4.55
CA VAL B 585 35.18 -4.70 -5.51
C VAL B 585 35.03 -6.16 -5.91
N LYS B 586 35.10 -6.43 -7.23
CA LYS B 586 34.97 -7.76 -7.85
C LYS B 586 36.28 -8.20 -8.54
N PHE B 587 37.10 -7.23 -8.98
CA PHE B 587 38.34 -7.50 -9.70
C PHE B 587 39.45 -8.08 -8.80
N ALA B 588 39.83 -9.37 -9.04
CA ALA B 588 40.80 -10.12 -8.25
C ALA B 588 42.14 -9.38 -7.92
N PRO B 589 42.82 -8.67 -8.87
CA PRO B 589 44.07 -7.99 -8.49
C PRO B 589 43.90 -6.89 -7.43
N ILE B 590 42.75 -6.21 -7.39
CA ILE B 590 42.51 -5.17 -6.37
C ILE B 590 42.21 -5.83 -5.02
N ILE B 591 41.43 -6.92 -5.04
CA ILE B 591 41.16 -7.73 -3.85
C ILE B 591 42.49 -8.22 -3.21
N GLU B 592 43.43 -8.70 -4.05
CA GLU B 592 44.76 -9.17 -3.64
C GLU B 592 45.61 -8.03 -3.05
N LEU B 593 45.49 -6.83 -3.64
CA LEU B 593 46.22 -5.65 -3.16
C LEU B 593 45.73 -5.31 -1.73
N LEU B 594 44.41 -5.25 -1.53
CA LEU B 594 43.83 -4.96 -0.23
C LEU B 594 44.22 -6.06 0.78
N ASN B 595 44.19 -7.35 0.35
CA ASN B 595 44.58 -8.48 1.21
C ASN B 595 46.05 -8.40 1.67
N SER B 596 46.96 -7.90 0.80
CA SER B 596 48.38 -7.76 1.15
C SER B 596 48.65 -6.67 2.21
N ARG B 597 47.69 -5.72 2.39
CA ARG B 597 47.79 -4.64 3.37
C ARG B 597 46.99 -4.92 4.65
N VAL B 598 46.49 -6.14 4.84
CA VAL B 598 45.68 -6.50 6.00
C VAL B 598 46.60 -6.69 7.23
N VAL B 599 46.25 -5.99 8.32
CA VAL B 599 46.96 -6.01 9.60
C VAL B 599 46.40 -7.15 10.46
N ASP B 600 45.04 -7.23 10.50
CA ASP B 600 44.33 -8.22 11.27
C ASP B 600 42.94 -8.44 10.67
N SER B 601 42.29 -9.54 11.04
CA SER B 601 40.94 -9.81 10.61
C SER B 601 40.15 -10.43 11.75
N TYR B 602 38.84 -10.20 11.71
CA TYR B 602 37.92 -10.64 12.74
C TYR B 602 36.68 -11.22 12.06
N PHE B 603 36.00 -12.12 12.76
CA PHE B 603 34.85 -12.78 12.23
C PHE B 603 33.69 -12.63 13.18
N SER B 604 32.48 -12.73 12.64
CA SER B 604 31.29 -12.73 13.45
C SER B 604 31.33 -14.00 14.35
N PRO B 605 31.25 -13.88 15.68
CA PRO B 605 31.42 -15.08 16.53
C PRO B 605 30.25 -16.04 16.58
N LYS B 606 29.10 -15.64 16.02
CA LYS B 606 27.91 -16.46 15.97
C LYS B 606 27.03 -16.05 14.78
N CYS B 607 25.99 -16.84 14.51
CA CYS B 607 25.08 -16.54 13.43
C CYS B 607 24.23 -15.33 13.78
N PRO B 608 23.81 -14.51 12.79
CA PRO B 608 22.79 -13.50 13.12
C PRO B 608 21.45 -14.22 13.40
N LYS B 609 20.46 -13.48 13.88
CA LYS B 609 19.16 -14.05 14.17
C LYS B 609 18.37 -14.26 12.86
N TRP B 610 17.61 -15.35 12.81
CA TRP B 610 16.76 -15.66 11.67
C TRP B 610 15.74 -16.71 12.02
N SER B 611 14.52 -16.52 11.55
CA SER B 611 13.45 -17.51 11.67
C SER B 611 12.60 -17.45 10.38
N PRO B 612 11.96 -18.55 9.92
CA PRO B 612 11.17 -18.46 8.68
C PRO B 612 10.03 -17.45 8.71
N GLY B 613 9.74 -16.84 7.56
CA GLY B 613 8.65 -15.89 7.40
C GLY B 613 8.99 -14.49 7.84
N HIS B 614 8.10 -13.55 7.56
CA HIS B 614 8.29 -12.15 7.96
C HIS B 614 8.19 -12.06 9.49
N LYS B 615 9.04 -11.22 10.10
CA LYS B 615 9.06 -11.00 11.55
C LYS B 615 7.71 -10.54 12.07
N GLN B 616 7.01 -9.69 11.30
CA GLN B 616 5.65 -9.19 11.62
C GLN B 616 4.70 -10.36 11.97
N TRP B 617 4.92 -11.55 11.38
CA TRP B 617 4.10 -12.74 11.62
C TRP B 617 4.50 -13.40 12.93
#